data_3H86
#
_entry.id   3H86
#
_cell.length_a   102.840
_cell.length_b   102.840
_cell.length_c   228.720
_cell.angle_alpha   90.00
_cell.angle_beta   90.00
_cell.angle_gamma   120.00
#
_symmetry.space_group_name_H-M   'H 3'
#
loop_
_entity.id
_entity.type
_entity.pdbx_description
1 polymer 'Adenylate kinase'
2 non-polymer "BIS(ADENOSINE)-5'-PENTAPHOSPHATE"
3 water water
#
_entity_poly.entity_id   1
_entity_poly.type   'polypeptide(L)'
_entity_poly.pdbx_seq_one_letter_code
;MKNKVVVVTGVPGVGGTTVTQKAMDILSEEGLNYKMVNFGSAMFDVANEEGLASDRDQMRKLDPETQKRIQKMAGRKIAE
MAKESPVAVDTHSTVKTPKGYLPGLPAWVLTELNPDIVIVVETDGDEILMRRLSDESRKRDLETTASIEEHQFMNRAAAM
SYGVLTGATVKIVKNKNGLVDNAVEELMSVLR
;
_entity_poly.pdbx_strand_id   B,A,C,G
#
loop_
_chem_comp.id
_chem_comp.type
_chem_comp.name
_chem_comp.formula
AP5 non-polymer BIS(ADENOSINE)-5'-PENTAPHOSPHATE 'C20 H29 N10 O22 P5'
#
# COMPACT_ATOMS: atom_id res chain seq x y z
N LYS A 2 -8.18 5.55 23.66
CA LYS A 2 -9.66 5.64 23.86
C LYS A 2 -10.02 6.98 24.57
N ASN A 3 -11.31 7.32 24.69
CA ASN A 3 -11.78 8.71 25.04
C ASN A 3 -11.38 9.68 23.89
N LYS A 4 -10.95 10.93 24.21
CA LYS A 4 -10.38 11.82 23.18
C LYS A 4 -8.89 11.92 23.35
N VAL A 5 -8.15 11.56 22.30
CA VAL A 5 -6.67 11.50 22.37
C VAL A 5 -5.99 12.32 21.31
N VAL A 6 -5.08 13.17 21.79
CA VAL A 6 -4.48 14.22 21.00
C VAL A 6 -2.97 14.16 21.02
N VAL A 7 -2.38 14.17 19.84
CA VAL A 7 -0.93 14.03 19.72
C VAL A 7 -0.36 15.30 19.19
N VAL A 8 0.65 15.82 19.89
CA VAL A 8 1.17 17.19 19.60
C VAL A 8 2.64 17.09 19.31
N THR A 9 3.03 17.52 18.12
CA THR A 9 4.37 17.24 17.56
C THR A 9 5.02 18.49 16.94
N GLY A 10 6.31 18.41 16.58
CA GLY A 10 7.07 19.53 16.15
C GLY A 10 8.54 19.35 16.49
N VAL A 11 9.41 19.82 15.62
CA VAL A 11 10.83 19.65 15.78
C VAL A 11 11.33 20.33 17.06
N PRO A 12 12.48 19.86 17.61
CA PRO A 12 13.01 20.44 18.83
C PRO A 12 13.27 21.93 18.75
N GLY A 13 12.61 22.70 19.59
CA GLY A 13 12.87 24.13 19.52
C GLY A 13 11.63 24.85 19.10
N VAL A 14 10.79 24.21 18.28
CA VAL A 14 9.56 24.88 17.81
C VAL A 14 8.56 25.21 18.97
N GLY A 15 8.95 24.81 20.16
CA GLY A 15 8.08 24.97 21.37
C GLY A 15 6.80 24.16 21.49
N GLY A 16 6.76 22.95 21.00
CA GLY A 16 5.55 22.18 21.25
C GLY A 16 5.29 21.83 22.72
N THR A 17 6.33 21.58 23.50
CA THR A 17 6.11 21.28 24.92
C THR A 17 5.42 22.46 25.59
N THR A 18 6.07 23.63 25.58
CA THR A 18 5.39 24.79 26.13
C THR A 18 3.93 24.84 25.66
N VAL A 19 3.65 25.02 24.37
CA VAL A 19 2.25 25.21 23.92
C VAL A 19 1.30 24.23 24.57
N THR A 20 1.82 23.07 24.96
CA THR A 20 0.96 22.01 25.49
C THR A 20 0.65 22.19 26.99
N GLN A 21 1.71 22.28 27.78
CA GLN A 21 1.57 22.62 29.20
C GLN A 21 0.67 23.83 29.45
N LYS A 22 0.98 24.93 28.77
CA LYS A 22 0.33 26.20 29.03
C LYS A 22 -1.16 26.06 28.77
N ALA A 23 -1.53 25.15 27.86
CA ALA A 23 -2.93 25.03 27.42
C ALA A 23 -3.74 24.33 28.46
N MET A 24 -3.11 23.28 28.99
CA MET A 24 -3.69 22.40 29.96
C MET A 24 -3.55 22.94 31.34
N ASP A 25 -2.66 23.94 31.52
CA ASP A 25 -2.73 24.76 32.72
C ASP A 25 -4.10 25.48 32.69
N ILE A 26 -4.37 26.19 31.60
CA ILE A 26 -5.59 26.98 31.43
C ILE A 26 -6.78 26.08 31.34
N LEU A 27 -6.57 24.86 30.85
CA LEU A 27 -7.68 23.93 30.74
C LEU A 27 -8.11 23.43 32.11
N SER A 28 -7.14 23.05 32.95
CA SER A 28 -7.34 22.57 34.34
C SER A 28 -8.18 23.51 35.24
N GLU A 29 -8.11 24.80 34.94
CA GLU A 29 -8.89 25.81 35.64
C GLU A 29 -10.25 26.01 34.96
N GLU A 30 -10.51 25.24 33.91
CA GLU A 30 -11.80 25.33 33.22
C GLU A 30 -12.69 24.18 33.66
N GLY A 31 -12.19 23.35 34.57
CA GLY A 31 -12.92 22.17 35.01
C GLY A 31 -12.96 21.02 33.99
N LEU A 32 -12.27 21.14 32.87
CA LEU A 32 -11.99 19.97 32.05
C LEU A 32 -10.52 19.69 32.27
N ASN A 33 -10.15 18.42 32.47
CA ASN A 33 -8.75 18.06 32.74
C ASN A 33 -8.14 16.98 31.84
N TYR A 34 -7.19 17.41 31.02
CA TYR A 34 -6.39 16.53 30.17
C TYR A 34 -5.20 15.94 30.94
N LYS A 35 -4.08 15.71 30.25
CA LYS A 35 -2.94 14.95 30.80
C LYS A 35 -1.67 15.22 29.96
N MET A 36 -0.75 16.06 30.44
CA MET A 36 0.59 16.19 29.81
C MET A 36 1.33 14.83 29.90
N VAL A 37 1.89 14.40 28.78
CA VAL A 37 2.70 13.20 28.75
C VAL A 37 3.81 13.39 27.73
N ASN A 38 5.05 13.56 28.18
CA ASN A 38 6.12 13.65 27.19
C ASN A 38 6.52 12.26 26.80
N PHE A 39 6.19 11.90 25.58
CA PHE A 39 6.43 10.57 25.14
C PHE A 39 7.91 10.27 25.41
N GLY A 40 8.68 11.34 25.54
CA GLY A 40 10.11 11.23 25.68
C GLY A 40 10.56 10.68 27.00
N SER A 41 9.81 10.95 28.04
CA SER A 41 10.29 10.60 29.34
C SER A 41 9.49 9.41 29.85
N ALA A 42 8.24 9.34 29.37
CA ALA A 42 7.46 8.12 29.50
C ALA A 42 8.25 6.91 29.01
N MET A 43 9.18 7.12 28.10
CA MET A 43 10.03 6.03 27.63
C MET A 43 11.42 6.05 28.25
N PHE A 44 11.74 7.09 29.02
CA PHE A 44 12.98 7.15 29.83
C PHE A 44 12.86 6.21 31.00
N ASP A 45 11.63 6.00 31.47
CA ASP A 45 11.35 5.13 32.62
C ASP A 45 11.67 3.70 32.24
N VAL A 46 11.59 3.43 30.95
CA VAL A 46 11.93 2.13 30.44
C VAL A 46 13.46 2.02 30.38
N ALA A 47 14.14 3.15 30.17
CA ALA A 47 15.60 3.19 30.02
C ALA A 47 16.40 2.62 31.21
N ASN A 48 16.48 3.39 32.29
CA ASN A 48 17.22 2.94 33.46
C ASN A 48 16.69 1.66 34.11
N GLU A 49 15.37 1.44 34.07
CA GLU A 49 14.77 0.20 34.58
C GLU A 49 15.27 -0.99 33.78
N GLU A 50 16.08 -0.68 32.75
CA GLU A 50 16.74 -1.69 31.95
C GLU A 50 18.25 -1.41 31.80
N GLY A 51 18.66 -0.19 32.17
CA GLY A 51 20.08 0.21 32.22
C GLY A 51 20.75 0.23 30.85
N LEU A 52 19.94 0.50 29.84
CA LEU A 52 20.35 0.36 28.44
C LEU A 52 21.24 1.52 27.99
N ALA A 53 20.77 2.74 28.26
CA ALA A 53 21.61 3.93 28.21
C ALA A 53 21.26 4.72 29.47
N SER A 54 22.06 5.74 29.77
CA SER A 54 21.72 6.63 30.86
C SER A 54 20.90 7.77 30.28
N ASP A 55 21.61 8.73 29.70
CA ASP A 55 21.03 9.99 29.26
C ASP A 55 19.74 9.82 28.49
N ARG A 56 19.00 10.93 28.44
CA ARG A 56 17.91 11.08 27.48
C ARG A 56 18.41 11.44 26.04
N ASP A 57 19.71 11.19 25.80
CA ASP A 57 20.40 11.48 24.53
C ASP A 57 20.81 10.18 23.80
N GLN A 58 21.45 9.25 24.50
CA GLN A 58 21.68 7.92 23.95
C GLN A 58 20.40 7.09 23.95
N MET A 59 19.38 7.64 23.29
CA MET A 59 18.12 6.96 23.08
C MET A 59 17.55 7.23 21.68
N ARG A 60 18.06 8.29 21.03
CA ARG A 60 17.91 8.49 19.59
C ARG A 60 19.27 8.25 18.95
N LYS A 61 20.28 8.12 19.80
CA LYS A 61 21.63 7.79 19.40
C LYS A 61 21.95 6.33 19.78
N LEU A 62 20.99 5.65 20.43
CA LEU A 62 21.15 4.30 21.01
C LEU A 62 21.15 3.22 19.92
N ASP A 63 21.55 2.00 20.31
CA ASP A 63 21.61 0.81 19.42
C ASP A 63 20.20 0.45 18.91
N PRO A 64 20.01 0.52 17.57
CA PRO A 64 18.72 0.71 16.88
C PRO A 64 17.80 -0.49 16.96
N GLU A 65 18.38 -1.67 17.22
CA GLU A 65 17.59 -2.81 17.65
C GLU A 65 16.88 -2.36 18.93
N THR A 66 15.56 -2.44 18.88
CA THR A 66 14.71 -2.21 20.04
C THR A 66 14.65 -0.80 20.64
N GLN A 67 15.27 0.21 20.02
CA GLN A 67 14.86 1.60 20.35
C GLN A 67 13.32 1.53 20.31
N LYS A 68 12.86 0.70 19.37
CA LYS A 68 11.45 0.42 19.08
C LYS A 68 10.73 -0.35 20.19
N ARG A 69 11.44 -1.24 20.87
CA ARG A 69 10.93 -1.97 22.05
C ARG A 69 10.44 -0.97 23.11
N ILE A 70 11.39 -0.18 23.59
CA ILE A 70 11.14 1.00 24.40
C ILE A 70 9.93 1.82 23.87
N GLN A 71 10.06 2.26 22.62
CA GLN A 71 9.00 3.02 21.95
C GLN A 71 7.68 2.29 22.06
N LYS A 72 7.69 1.00 21.76
CA LYS A 72 6.46 0.20 21.77
C LYS A 72 5.70 0.28 23.07
N MET A 73 6.41 0.03 24.16
CA MET A 73 5.75 -0.19 25.43
C MET A 73 5.05 1.06 25.94
N ALA A 74 5.78 2.18 25.85
CA ALA A 74 5.30 3.49 26.29
C ALA A 74 3.99 3.88 25.63
N GLY A 75 3.83 3.44 24.38
CA GLY A 75 2.66 3.73 23.55
C GLY A 75 1.37 2.99 23.90
N ARG A 76 1.48 1.79 24.47
CA ARG A 76 0.26 1.13 24.96
C ARG A 76 0.02 1.38 26.46
N LYS A 77 1.04 1.92 27.13
CA LYS A 77 0.94 2.31 28.53
C LYS A 77 0.10 3.55 28.63
N ILE A 78 0.33 4.47 27.69
CA ILE A 78 -0.55 5.60 27.49
C ILE A 78 -1.94 5.16 27.03
N ALA A 79 -2.02 4.01 26.37
CA ALA A 79 -3.31 3.54 25.85
C ALA A 79 -4.40 3.58 26.94
N GLU A 80 -4.13 2.95 28.08
CA GLU A 80 -5.14 2.81 29.14
C GLU A 80 -5.30 4.12 29.92
N MET A 81 -4.20 4.87 29.97
CA MET A 81 -4.14 6.21 30.50
C MET A 81 -5.17 7.14 29.84
N ALA A 82 -5.91 6.61 28.87
CA ALA A 82 -6.81 7.42 28.05
C ALA A 82 -8.29 7.08 28.22
N LYS A 83 -8.57 5.78 28.31
CA LYS A 83 -9.92 5.34 28.70
C LYS A 83 -10.28 6.19 29.91
N GLU A 84 -9.34 6.25 30.87
CA GLU A 84 -9.51 6.98 32.11
C GLU A 84 -9.69 8.51 32.00
N SER A 85 -8.92 9.16 31.12
CA SER A 85 -9.01 10.63 30.93
C SER A 85 -8.57 11.05 29.52
N PRO A 86 -9.10 12.19 29.01
CA PRO A 86 -8.52 12.63 27.74
C PRO A 86 -7.01 12.87 27.89
N VAL A 87 -6.21 12.37 26.94
CA VAL A 87 -4.75 12.44 27.08
C VAL A 87 -4.20 13.49 26.10
N ALA A 88 -3.05 14.05 26.41
CA ALA A 88 -2.33 14.90 25.45
C ALA A 88 -0.86 14.54 25.51
N VAL A 89 -0.35 14.19 24.33
CA VAL A 89 0.89 13.50 24.19
C VAL A 89 1.89 14.40 23.50
N ASP A 90 2.82 14.86 24.27
CA ASP A 90 3.80 15.74 23.76
C ASP A 90 4.89 14.82 23.25
N THR A 91 5.09 14.93 21.93
CA THR A 91 6.03 14.05 21.23
C THR A 91 6.50 14.59 19.86
N HIS A 92 7.03 13.68 19.04
CA HIS A 92 7.45 14.02 17.71
C HIS A 92 6.86 13.14 16.61
N SER A 93 6.63 13.78 15.49
CA SER A 93 6.25 13.09 14.30
C SER A 93 7.33 12.11 13.75
N THR A 94 8.53 12.61 13.49
CA THR A 94 9.65 11.69 13.24
C THR A 94 10.83 12.13 14.06
N VAL A 95 11.69 11.20 14.50
CA VAL A 95 12.85 11.59 15.30
C VAL A 95 14.14 11.47 14.50
N LYS A 96 14.81 12.58 14.28
CA LYS A 96 16.02 12.66 13.50
C LYS A 96 17.15 11.93 14.21
N THR A 97 17.15 10.60 14.13
CA THR A 97 18.26 9.80 14.62
C THR A 97 19.36 9.71 13.51
N PRO A 98 20.53 9.13 13.78
CA PRO A 98 21.51 9.18 12.66
C PRO A 98 21.18 8.25 11.47
N LYS A 99 20.42 7.16 11.69
CA LYS A 99 19.94 6.31 10.58
C LYS A 99 18.73 6.95 9.80
N GLY A 100 18.58 8.28 9.86
CA GLY A 100 17.48 8.95 9.17
C GLY A 100 16.34 9.21 10.13
N TYR A 101 15.17 9.54 9.57
CA TYR A 101 14.04 10.00 10.36
C TYR A 101 13.39 8.77 10.90
N LEU A 102 12.96 8.84 12.15
CA LEU A 102 12.41 7.70 12.79
C LEU A 102 10.98 8.02 13.10
N PRO A 103 10.04 7.18 12.67
CA PRO A 103 8.64 7.52 12.86
C PRO A 103 8.25 7.38 14.34
N GLY A 104 7.98 8.48 15.00
CA GLY A 104 7.57 8.45 16.36
C GLY A 104 6.44 7.50 16.58
N LEU A 105 5.36 7.61 15.80
CA LEU A 105 4.23 6.68 15.93
C LEU A 105 4.14 5.64 14.83
N PRO A 106 4.96 4.57 14.87
CA PRO A 106 4.88 3.47 13.91
C PRO A 106 3.48 2.89 13.81
N ALA A 107 3.18 2.19 12.72
CA ALA A 107 1.88 1.45 12.57
C ALA A 107 1.36 0.90 13.91
N TRP A 108 2.19 0.11 14.57
CA TRP A 108 1.75 -0.49 15.82
C TRP A 108 1.33 0.51 16.89
N VAL A 109 2.29 1.29 17.39
CA VAL A 109 2.02 2.34 18.38
C VAL A 109 0.86 3.21 17.93
N LEU A 110 0.76 3.42 16.64
CA LEU A 110 -0.29 4.27 16.14
C LEU A 110 -1.64 3.66 16.49
N THR A 111 -1.81 2.38 16.17
CA THR A 111 -3.05 1.70 16.48
C THR A 111 -3.24 1.56 17.98
N GLU A 112 -2.14 1.28 18.66
CA GLU A 112 -2.14 1.11 20.10
C GLU A 112 -2.49 2.44 20.82
N LEU A 113 -2.90 3.46 20.07
CA LEU A 113 -3.14 4.79 20.64
C LEU A 113 -4.38 5.37 19.97
N ASN A 114 -4.32 5.56 18.66
CA ASN A 114 -5.48 6.07 17.89
C ASN A 114 -5.97 7.40 18.43
N PRO A 115 -5.22 8.48 18.14
CA PRO A 115 -5.65 9.81 18.52
C PRO A 115 -6.76 10.22 17.62
N ASP A 116 -7.65 11.07 18.10
CA ASP A 116 -8.62 11.69 17.24
C ASP A 116 -8.00 13.02 16.63
N ILE A 117 -6.81 13.42 17.08
CA ILE A 117 -6.23 14.65 16.56
C ILE A 117 -4.75 14.60 16.61
N VAL A 118 -4.15 14.97 15.51
CA VAL A 118 -2.72 15.10 15.48
C VAL A 118 -2.51 16.58 15.34
N ILE A 119 -1.45 17.09 15.99
CA ILE A 119 -1.12 18.51 15.90
C ILE A 119 0.30 18.67 15.59
N VAL A 120 0.54 19.45 14.54
CA VAL A 120 1.89 19.71 14.03
C VAL A 120 2.29 21.16 14.34
N VAL A 121 3.27 21.36 15.19
CA VAL A 121 3.69 22.75 15.53
C VAL A 121 4.85 23.19 14.64
N GLU A 122 4.64 24.30 13.90
CA GLU A 122 5.60 24.78 12.91
C GLU A 122 6.03 26.24 13.12
N THR A 123 7.32 26.53 12.85
CA THR A 123 7.76 27.92 12.56
C THR A 123 9.10 28.02 11.80
N ASP A 124 9.56 29.20 11.46
CA ASP A 124 10.69 29.25 10.59
C ASP A 124 11.92 28.66 11.24
N GLY A 125 12.78 28.12 10.40
CA GLY A 125 14.01 27.50 10.80
C GLY A 125 14.78 28.46 11.62
N ASP A 126 14.76 29.72 11.22
CA ASP A 126 15.44 30.83 11.85
C ASP A 126 15.02 31.06 13.25
N GLU A 127 13.73 30.89 13.50
CA GLU A 127 13.22 31.12 14.81
C GLU A 127 13.47 29.84 15.60
N ILE A 128 13.03 28.69 15.11
CA ILE A 128 13.45 27.41 15.70
C ILE A 128 14.93 27.31 16.13
N LEU A 129 15.80 27.69 15.22
CA LEU A 129 17.22 27.78 15.55
C LEU A 129 17.45 28.70 16.74
N MET A 130 16.57 29.67 16.95
CA MET A 130 16.92 30.84 17.75
C MET A 130 16.44 30.60 19.13
N ARG A 131 15.30 29.88 19.18
CA ARG A 131 14.81 29.33 20.40
C ARG A 131 15.75 28.29 20.99
N ARG A 132 16.52 27.59 20.12
CA ARG A 132 17.45 26.54 20.55
C ARG A 132 18.60 27.17 21.31
N LEU A 133 18.98 28.36 20.90
CA LEU A 133 20.01 29.09 21.61
C LEU A 133 19.52 29.51 22.99
N SER A 134 18.24 29.87 23.10
CA SER A 134 17.64 30.15 24.40
C SER A 134 17.22 28.88 25.25
N ASP A 135 17.16 27.68 24.65
CA ASP A 135 16.92 26.44 25.45
C ASP A 135 18.19 25.98 26.15
N GLU A 136 18.51 26.61 27.28
CA GLU A 136 19.72 26.22 27.99
C GLU A 136 19.45 24.95 28.80
N SER A 137 18.15 24.66 28.99
CA SER A 137 17.64 23.42 29.62
C SER A 137 18.10 22.12 28.96
N ARG A 138 18.45 22.19 27.68
CA ARG A 138 19.00 21.04 26.91
C ARG A 138 20.35 21.33 26.19
N LYS A 139 21.18 20.28 26.05
CA LYS A 139 22.54 20.39 25.54
C LYS A 139 22.53 20.52 24.03
N ARG A 140 21.82 21.51 23.51
CA ARG A 140 21.36 21.44 22.11
C ARG A 140 22.49 21.38 21.04
N ASP A 141 22.06 20.99 19.83
CA ASP A 141 22.95 20.66 18.75
C ASP A 141 23.39 21.78 17.85
N LEU A 142 22.48 22.65 17.40
CA LEU A 142 22.92 23.66 16.42
C LEU A 142 23.14 23.09 15.02
N GLU A 143 22.05 22.81 14.33
CA GLU A 143 22.00 22.40 12.97
C GLU A 143 21.66 23.53 11.96
N THR A 144 21.73 23.24 10.66
CA THR A 144 21.37 24.25 9.62
C THR A 144 19.84 24.34 9.44
N THR A 145 19.39 25.31 8.68
CA THR A 145 17.99 25.62 8.55
C THR A 145 17.38 24.80 7.42
N ALA A 146 18.26 24.46 6.47
CA ALA A 146 17.89 23.73 5.28
C ALA A 146 17.52 22.34 5.70
N SER A 147 18.17 21.90 6.76
CA SER A 147 17.90 20.61 7.33
C SER A 147 16.74 20.58 8.36
N ILE A 148 16.55 21.68 9.11
CA ILE A 148 15.27 21.92 9.86
C ILE A 148 14.09 21.89 8.96
N GLU A 149 14.16 22.66 7.89
CA GLU A 149 13.04 22.63 6.91
C GLU A 149 12.71 21.24 6.33
N GLU A 150 13.78 20.47 6.09
CA GLU A 150 13.69 19.14 5.60
C GLU A 150 12.97 18.30 6.59
N HIS A 151 13.50 18.20 7.79
CA HIS A 151 12.80 17.44 8.82
C HIS A 151 11.31 17.84 8.97
N GLN A 152 10.98 19.13 8.93
CA GLN A 152 9.54 19.57 9.03
C GLN A 152 8.71 19.10 7.83
N PHE A 153 9.43 18.87 6.73
CA PHE A 153 8.80 18.30 5.54
C PHE A 153 8.30 16.84 5.77
N MET A 154 9.25 16.01 6.14
CA MET A 154 9.05 14.62 6.36
C MET A 154 8.11 14.40 7.50
N ASN A 155 8.14 15.33 8.50
CA ASN A 155 7.18 15.33 9.61
C ASN A 155 5.78 15.45 9.04
N ARG A 156 5.51 16.46 8.20
CA ARG A 156 4.12 16.62 7.74
C ARG A 156 3.67 15.36 7.07
N ALA A 157 4.63 14.60 6.51
CA ALA A 157 4.28 13.47 5.68
C ALA A 157 3.86 12.34 6.62
N ALA A 158 4.69 12.09 7.64
CA ALA A 158 4.35 11.15 8.71
C ALA A 158 2.95 11.44 9.22
N ALA A 159 2.88 12.57 9.89
CA ALA A 159 1.66 13.21 10.29
C ALA A 159 0.49 12.95 9.36
N MET A 160 0.64 13.04 8.05
CA MET A 160 -0.54 12.74 7.24
C MET A 160 -0.75 11.25 7.02
N SER A 161 0.33 10.46 7.00
CA SER A 161 0.19 9.02 6.90
C SER A 161 -0.47 8.55 8.19
N TYR A 162 -0.10 9.12 9.35
CA TYR A 162 -0.91 8.87 10.57
C TYR A 162 -2.45 9.15 10.39
N GLY A 163 -2.79 10.35 10.00
CA GLY A 163 -4.20 10.66 9.77
C GLY A 163 -4.95 9.57 9.03
N VAL A 164 -4.45 9.19 7.83
CA VAL A 164 -5.11 8.18 7.01
C VAL A 164 -5.21 6.83 7.71
N LEU A 165 -4.11 6.42 8.32
CA LEU A 165 -4.11 5.13 8.92
C LEU A 165 -5.07 5.17 10.09
N THR A 166 -5.25 6.33 10.69
CA THR A 166 -6.13 6.37 11.87
C THR A 166 -7.28 7.36 11.88
N GLY A 167 -7.75 7.82 10.73
CA GLY A 167 -8.91 8.73 10.67
C GLY A 167 -8.83 10.03 11.46
N ALA A 168 -7.72 10.25 12.13
CA ALA A 168 -7.44 11.42 12.90
C ALA A 168 -7.30 12.68 12.01
N THR A 169 -7.68 13.86 12.52
CA THR A 169 -7.48 15.10 11.74
C THR A 169 -6.10 15.67 11.97
N VAL A 170 -5.44 16.06 10.91
CA VAL A 170 -4.17 16.73 11.05
C VAL A 170 -4.33 18.26 11.07
N LYS A 171 -3.97 18.88 12.18
CA LYS A 171 -3.95 20.33 12.28
C LYS A 171 -2.51 20.82 12.24
N ILE A 172 -2.19 21.80 11.38
CA ILE A 172 -0.89 22.53 11.41
C ILE A 172 -1.00 23.90 12.14
N VAL A 173 -0.44 23.98 13.33
CA VAL A 173 -0.54 25.12 14.16
C VAL A 173 0.76 25.92 14.12
N LYS A 174 0.75 27.13 13.58
CA LYS A 174 1.95 27.99 13.56
C LYS A 174 2.32 28.71 14.92
N ASN A 175 3.57 28.64 15.35
CA ASN A 175 3.93 29.17 16.62
C ASN A 175 5.16 29.96 16.48
N LYS A 176 4.97 31.24 16.09
CA LYS A 176 6.01 32.25 15.88
C LYS A 176 6.48 32.84 17.18
N ASN A 177 7.62 33.52 17.06
CA ASN A 177 8.23 34.21 18.16
C ASN A 177 7.38 35.28 18.73
N GLY A 178 7.18 35.16 20.04
CA GLY A 178 6.50 36.19 20.80
C GLY A 178 5.02 35.98 20.83
N LEU A 179 4.56 35.02 20.03
CA LEU A 179 3.15 34.78 19.90
C LEU A 179 2.76 33.39 20.39
N VAL A 180 3.47 32.88 21.37
CA VAL A 180 3.04 31.69 22.11
C VAL A 180 1.55 31.54 22.32
N ASP A 181 0.88 32.65 22.66
CA ASP A 181 -0.48 32.56 23.15
C ASP A 181 -1.45 32.21 22.03
N ASN A 182 -1.14 32.65 20.82
CA ASN A 182 -2.00 32.38 19.64
C ASN A 182 -2.07 30.84 19.30
N ALA A 183 -0.95 30.14 19.49
CA ALA A 183 -0.88 28.73 19.18
C ALA A 183 -1.59 27.96 20.27
N VAL A 184 -1.45 28.47 21.50
CA VAL A 184 -2.19 28.03 22.70
C VAL A 184 -3.70 28.08 22.43
N GLU A 185 -4.20 29.25 22.03
CA GLU A 185 -5.59 29.39 21.62
C GLU A 185 -5.97 28.43 20.48
N GLU A 186 -5.02 28.08 19.61
CA GLU A 186 -5.33 27.18 18.49
C GLU A 186 -5.40 25.74 18.97
N LEU A 187 -4.39 25.33 19.74
CA LEU A 187 -4.39 24.05 20.34
C LEU A 187 -5.72 23.84 21.03
N MET A 188 -5.98 24.67 22.05
CA MET A 188 -7.21 24.62 22.89
C MET A 188 -8.54 24.47 22.15
N SER A 189 -8.84 25.34 21.19
CA SER A 189 -10.14 25.27 20.53
C SER A 189 -10.28 24.03 19.68
N VAL A 190 -9.16 23.33 19.49
CA VAL A 190 -9.21 22.07 18.78
C VAL A 190 -9.40 20.90 19.75
N LEU A 191 -9.15 21.15 21.04
CA LEU A 191 -9.25 20.13 22.09
C LEU A 191 -10.72 20.02 22.57
N ARG A 192 -11.34 21.17 22.78
CA ARG A 192 -12.78 21.33 22.90
C ARG A 192 -13.52 20.68 21.74
N LYS B 2 19.35 -10.31 14.03
CA LYS B 2 18.56 -9.61 12.96
C LYS B 2 19.35 -9.49 11.61
N ASN B 3 18.72 -9.96 10.52
CA ASN B 3 19.30 -9.77 9.18
C ASN B 3 18.77 -8.50 8.53
N LYS B 4 19.69 -7.69 7.97
CA LYS B 4 19.44 -6.27 7.65
C LYS B 4 18.98 -5.97 6.22
N VAL B 5 17.71 -5.58 6.04
CA VAL B 5 17.22 -5.15 4.71
C VAL B 5 17.23 -3.60 4.55
N VAL B 6 18.14 -3.11 3.71
CA VAL B 6 18.19 -1.75 3.37
C VAL B 6 17.63 -1.55 1.94
N VAL B 7 16.72 -0.61 1.82
CA VAL B 7 16.15 -0.15 0.57
C VAL B 7 16.76 1.22 0.13
N VAL B 8 17.01 1.38 -1.15
CA VAL B 8 17.68 2.58 -1.67
C VAL B 8 16.95 3.02 -2.94
N THR B 9 16.54 4.27 -2.96
CA THR B 9 15.70 4.74 -4.01
C THR B 9 16.19 6.09 -4.49
N GLY B 10 15.95 6.45 -5.71
CA GLY B 10 16.31 7.73 -6.29
C GLY B 10 15.79 7.76 -7.71
N VAL B 11 15.27 8.86 -8.17
CA VAL B 11 14.71 8.81 -9.47
C VAL B 11 15.84 8.43 -10.38
N PRO B 12 15.50 7.85 -11.56
CA PRO B 12 16.46 7.44 -12.57
C PRO B 12 17.37 8.60 -12.88
N GLY B 13 18.69 8.40 -12.92
CA GLY B 13 19.59 9.51 -13.24
C GLY B 13 20.37 10.04 -12.04
N VAL B 14 19.81 9.86 -10.84
CA VAL B 14 20.37 10.40 -9.62
C VAL B 14 21.58 9.64 -9.19
N GLY B 15 21.58 8.31 -9.27
CA GLY B 15 22.84 7.58 -9.07
C GLY B 15 22.71 6.57 -7.96
N GLY B 16 21.48 6.27 -7.62
CA GLY B 16 21.20 5.26 -6.61
C GLY B 16 22.04 4.03 -6.81
N THR B 17 22.19 3.61 -8.07
CA THR B 17 22.92 2.36 -8.35
C THR B 17 24.43 2.45 -8.03
N THR B 18 25.19 3.20 -8.80
CA THR B 18 26.59 3.48 -8.43
C THR B 18 26.84 3.77 -6.94
N VAL B 19 25.90 4.43 -6.26
CA VAL B 19 26.05 4.73 -4.79
C VAL B 19 26.14 3.46 -3.96
N THR B 20 25.28 2.51 -4.28
CA THR B 20 25.18 1.29 -3.54
C THR B 20 26.38 0.40 -4.00
N GLN B 21 26.57 0.21 -5.31
CA GLN B 21 27.81 -0.42 -5.81
C GLN B 21 29.03 -0.09 -4.97
N LYS B 22 29.39 1.20 -4.92
CA LYS B 22 30.68 1.56 -4.38
C LYS B 22 30.68 1.23 -2.90
N ALA B 23 29.54 1.51 -2.26
CA ALA B 23 29.33 1.34 -0.83
C ALA B 23 29.63 -0.07 -0.42
N MET B 24 29.50 -1.02 -1.36
CA MET B 24 29.70 -2.40 -1.00
C MET B 24 31.07 -2.96 -1.27
N ASP B 25 31.62 -2.80 -2.46
CA ASP B 25 33.04 -3.09 -2.60
C ASP B 25 33.80 -2.87 -1.29
N ILE B 26 33.77 -1.64 -0.79
CA ILE B 26 34.41 -1.30 0.47
C ILE B 26 33.94 -2.20 1.59
N LEU B 27 32.64 -2.49 1.62
CA LEU B 27 32.11 -3.35 2.68
C LEU B 27 32.50 -4.82 2.49
N SER B 28 32.64 -5.25 1.22
CA SER B 28 32.92 -6.64 0.88
C SER B 28 34.40 -6.94 1.02
N GLU B 29 35.22 -5.91 0.89
CA GLU B 29 36.67 -6.03 1.09
C GLU B 29 37.04 -5.63 2.50
N GLU B 30 36.05 -5.74 3.40
CA GLU B 30 36.24 -5.51 4.82
C GLU B 30 35.28 -6.39 5.65
N GLY B 31 34.71 -7.43 5.02
CA GLY B 31 33.98 -8.45 5.77
C GLY B 31 32.54 -8.76 5.38
N LEU B 32 31.64 -7.80 5.58
CA LEU B 32 30.25 -8.01 5.21
C LEU B 32 30.04 -7.64 3.73
N ASN B 33 29.77 -8.62 2.87
CA ASN B 33 29.16 -8.31 1.58
C ASN B 33 27.67 -8.45 1.88
N TYR B 34 26.99 -7.30 2.03
CA TYR B 34 25.56 -7.25 1.81
C TYR B 34 25.35 -7.91 0.44
N LYS B 35 24.19 -8.50 0.24
CA LYS B 35 23.87 -8.91 -1.12
C LYS B 35 23.45 -7.66 -1.96
N MET B 36 24.25 -7.40 -2.98
CA MET B 36 23.97 -6.42 -4.01
C MET B 36 22.74 -6.91 -4.79
N VAL B 37 21.57 -6.30 -4.59
CA VAL B 37 20.38 -6.71 -5.37
C VAL B 37 19.65 -5.51 -5.90
N ASN B 38 19.24 -5.65 -7.18
CA ASN B 38 18.58 -4.66 -7.99
C ASN B 38 17.14 -5.05 -8.36
N PHE B 39 16.18 -4.55 -7.59
CA PHE B 39 14.76 -4.80 -7.80
C PHE B 39 14.33 -4.86 -9.27
N GLY B 40 14.85 -4.01 -10.12
CA GLY B 40 14.37 -4.06 -11.51
C GLY B 40 14.98 -5.18 -12.35
N SER B 41 16.28 -5.47 -12.09
CA SER B 41 16.96 -6.60 -12.64
C SER B 41 16.19 -7.84 -12.27
N ALA B 42 15.74 -7.89 -11.02
CA ALA B 42 15.08 -9.10 -10.49
C ALA B 42 13.78 -9.39 -11.21
N MET B 43 12.82 -8.46 -11.11
CA MET B 43 11.53 -8.49 -11.84
C MET B 43 11.64 -8.44 -13.38
N PHE B 44 12.74 -7.95 -13.94
CA PHE B 44 12.88 -8.06 -15.41
C PHE B 44 12.99 -9.51 -15.86
N ASP B 45 13.97 -10.23 -15.32
CA ASP B 45 14.07 -11.67 -15.31
C ASP B 45 12.76 -12.40 -15.16
N VAL B 46 11.81 -11.82 -14.44
CA VAL B 46 10.45 -12.38 -14.38
C VAL B 46 9.65 -12.00 -15.61
N ALA B 47 10.05 -11.02 -16.39
CA ALA B 47 9.11 -10.56 -17.46
C ALA B 47 9.51 -11.07 -18.81
N ASN B 48 10.81 -11.00 -19.08
CA ASN B 48 11.36 -11.36 -20.36
C ASN B 48 11.11 -12.83 -20.57
N GLU B 49 11.10 -13.55 -19.45
CA GLU B 49 10.91 -14.96 -19.44
C GLU B 49 9.50 -15.24 -19.86
N GLU B 50 8.60 -14.29 -19.61
CA GLU B 50 7.21 -14.45 -19.94
C GLU B 50 6.92 -13.81 -21.28
N GLY B 51 7.87 -13.02 -21.76
CA GLY B 51 7.68 -12.35 -23.03
C GLY B 51 7.12 -10.94 -22.92
N LEU B 52 6.69 -10.56 -21.72
CA LEU B 52 6.02 -9.25 -21.50
C LEU B 52 6.97 -8.07 -21.75
N ALA B 53 8.27 -8.35 -21.80
CA ALA B 53 9.25 -7.30 -21.96
C ALA B 53 10.48 -7.81 -22.70
N SER B 54 10.85 -7.09 -23.74
CA SER B 54 12.09 -7.35 -24.48
C SER B 54 13.29 -6.60 -23.89
N ASP B 55 13.01 -5.39 -23.36
CA ASP B 55 14.02 -4.53 -22.73
C ASP B 55 13.60 -4.23 -21.28
N ARG B 56 14.56 -4.07 -20.37
CA ARG B 56 14.22 -3.75 -18.98
C ARG B 56 13.49 -2.42 -18.93
N ASP B 57 13.89 -1.51 -19.84
CA ASP B 57 13.47 -0.10 -19.87
C ASP B 57 11.94 0.01 -20.02
N GLN B 58 11.35 -0.77 -20.93
CA GLN B 58 9.93 -0.56 -21.23
C GLN B 58 8.88 -1.40 -20.42
N MET B 59 9.26 -1.77 -19.18
CA MET B 59 8.40 -2.47 -18.21
C MET B 59 7.46 -1.54 -17.42
N ARG B 60 7.78 -0.25 -17.45
CA ARG B 60 7.06 0.76 -16.69
C ARG B 60 6.00 1.39 -17.59
N LYS B 61 6.12 1.06 -18.85
CA LYS B 61 5.12 1.40 -19.81
C LYS B 61 4.10 0.26 -19.99
N LEU B 62 4.18 -0.80 -19.17
CA LEU B 62 3.16 -1.82 -19.18
C LEU B 62 1.99 -1.34 -18.38
N ASP B 63 1.03 -2.21 -18.16
CA ASP B 63 -0.07 -1.79 -17.36
C ASP B 63 0.36 -1.86 -15.96
N PRO B 64 -0.14 -0.92 -15.14
CA PRO B 64 0.01 -0.90 -13.70
C PRO B 64 -0.20 -2.28 -13.12
N GLU B 65 -1.35 -2.86 -13.34
CA GLU B 65 -1.60 -4.13 -12.68
C GLU B 65 -0.59 -5.27 -13.06
N THR B 66 -0.01 -5.19 -14.26
CA THR B 66 0.93 -6.18 -14.68
C THR B 66 2.26 -5.87 -14.06
N GLN B 67 2.53 -4.57 -13.89
CA GLN B 67 3.69 -4.11 -13.16
C GLN B 67 3.65 -4.55 -11.65
N LYS B 68 2.48 -4.54 -11.07
CA LYS B 68 2.36 -4.87 -9.68
C LYS B 68 2.49 -6.32 -9.42
N ARG B 69 2.03 -7.10 -10.40
CA ARG B 69 2.15 -8.59 -10.42
C ARG B 69 3.62 -8.95 -10.37
N ILE B 70 4.34 -8.47 -11.37
CA ILE B 70 5.72 -8.80 -11.53
C ILE B 70 6.43 -8.31 -10.29
N GLN B 71 5.94 -7.18 -9.81
CA GLN B 71 6.60 -6.49 -8.75
C GLN B 71 6.50 -7.34 -7.53
N LYS B 72 5.32 -7.90 -7.31
CA LYS B 72 5.07 -8.75 -6.13
C LYS B 72 5.87 -10.05 -6.18
N MET B 73 5.92 -10.72 -7.33
CA MET B 73 6.79 -11.90 -7.49
C MET B 73 8.24 -11.54 -7.14
N ALA B 74 8.78 -10.45 -7.68
CA ALA B 74 10.14 -10.01 -7.31
C ALA B 74 10.33 -9.67 -5.83
N GLY B 75 9.30 -9.08 -5.22
CA GLY B 75 9.39 -8.76 -3.80
C GLY B 75 9.55 -10.02 -2.96
N ARG B 76 8.84 -11.08 -3.36
CA ARG B 76 9.03 -12.31 -2.65
C ARG B 76 10.22 -13.11 -3.13
N LYS B 77 10.79 -12.83 -4.29
CA LYS B 77 12.05 -13.49 -4.67
C LYS B 77 13.15 -13.00 -3.76
N ILE B 78 13.11 -11.71 -3.44
CA ILE B 78 14.14 -11.07 -2.61
C ILE B 78 13.93 -11.40 -1.15
N ALA B 79 12.68 -11.58 -0.76
CA ALA B 79 12.32 -11.98 0.59
C ALA B 79 13.09 -13.28 1.00
N GLU B 80 13.08 -14.27 0.12
CA GLU B 80 13.82 -15.51 0.37
C GLU B 80 15.31 -15.26 0.32
N MET B 81 15.73 -14.16 -0.34
CA MET B 81 17.14 -13.80 -0.50
C MET B 81 17.67 -13.27 0.81
N ALA B 82 16.74 -12.71 1.59
CA ALA B 82 17.03 -11.99 2.85
C ALA B 82 16.89 -12.85 4.08
N LYS B 83 16.45 -14.09 3.90
CA LYS B 83 16.50 -15.07 4.96
C LYS B 83 17.97 -15.46 5.20
N GLU B 84 18.81 -15.40 4.18
CA GLU B 84 20.17 -15.91 4.40
C GLU B 84 21.37 -15.02 4.12
N SER B 85 21.13 -13.73 3.88
CA SER B 85 22.20 -12.70 3.85
C SER B 85 21.62 -11.28 3.86
N PRO B 86 22.25 -10.32 4.57
CA PRO B 86 21.68 -8.94 4.61
C PRO B 86 21.68 -8.32 3.22
N VAL B 87 20.64 -7.58 2.87
CA VAL B 87 20.47 -7.18 1.47
C VAL B 87 20.16 -5.70 1.25
N ALA B 88 21.10 -4.99 0.65
CA ALA B 88 20.85 -3.63 0.21
C ALA B 88 20.16 -3.69 -1.14
N VAL B 89 18.82 -3.71 -1.11
CA VAL B 89 17.93 -3.74 -2.29
C VAL B 89 17.84 -2.35 -2.95
N ASP B 90 18.10 -2.36 -4.25
CA ASP B 90 18.06 -1.20 -5.10
C ASP B 90 16.76 -1.02 -5.85
N THR B 91 15.90 -0.09 -5.39
CA THR B 91 14.57 0.11 -6.00
C THR B 91 14.15 1.58 -6.09
N HIS B 92 12.83 1.84 -6.04
CA HIS B 92 12.28 3.17 -6.23
C HIS B 92 11.13 3.46 -5.28
N SER B 93 11.08 4.70 -4.85
CA SER B 93 9.98 5.07 -4.07
C SER B 93 8.67 5.07 -4.89
N THR B 94 8.70 5.68 -6.08
CA THR B 94 7.63 5.55 -6.99
C THR B 94 8.18 5.45 -8.39
N VAL B 95 7.52 4.63 -9.20
CA VAL B 95 7.78 4.56 -10.66
C VAL B 95 6.90 5.50 -11.47
N LYS B 96 7.47 6.10 -12.48
CA LYS B 96 6.78 7.02 -13.30
C LYS B 96 6.06 6.27 -14.36
N THR B 97 4.72 6.32 -14.40
CA THR B 97 3.93 5.66 -15.47
C THR B 97 2.96 6.66 -16.05
N PRO B 98 2.42 6.39 -17.25
CA PRO B 98 1.36 7.25 -17.86
C PRO B 98 0.13 7.40 -17.02
N LYS B 99 0.00 6.58 -15.96
CA LYS B 99 -1.22 6.57 -15.13
C LYS B 99 -0.91 7.17 -13.75
N GLY B 100 0.22 7.91 -13.67
CA GLY B 100 0.75 8.49 -12.48
C GLY B 100 1.86 7.81 -11.77
N TYR B 101 1.97 8.12 -10.48
CA TYR B 101 3.02 7.58 -9.68
C TYR B 101 2.59 6.31 -9.02
N LEU B 102 2.89 5.19 -9.68
CA LEU B 102 2.72 3.90 -9.05
C LEU B 102 3.81 3.68 -8.06
N PRO B 103 3.43 3.33 -6.79
CA PRO B 103 4.34 3.15 -5.64
C PRO B 103 5.43 2.13 -5.98
N GLY B 104 6.39 1.88 -5.07
CA GLY B 104 7.54 1.07 -5.36
C GLY B 104 7.55 -0.06 -4.34
N LEU B 105 6.74 0.12 -3.32
CA LEU B 105 6.59 -0.83 -2.29
C LEU B 105 5.23 -0.64 -1.64
N PRO B 106 4.13 -1.15 -2.27
CA PRO B 106 2.82 -1.05 -1.58
C PRO B 106 2.89 -1.77 -0.26
N ALA B 107 1.81 -1.67 0.53
CA ALA B 107 1.82 -2.30 1.82
C ALA B 107 2.24 -3.78 1.72
N TRP B 108 1.60 -4.54 0.84
CA TRP B 108 1.95 -5.98 0.76
C TRP B 108 3.42 -6.28 0.46
N VAL B 109 4.15 -5.30 -0.10
CA VAL B 109 5.52 -5.53 -0.56
C VAL B 109 6.40 -5.13 0.60
N LEU B 110 5.97 -4.10 1.34
CA LEU B 110 6.72 -3.66 2.52
C LEU B 110 6.74 -4.74 3.61
N THR B 111 5.56 -5.29 3.92
CA THR B 111 5.45 -6.59 4.60
C THR B 111 6.47 -7.67 4.13
N GLU B 112 6.45 -8.02 2.84
CA GLU B 112 7.48 -8.93 2.29
C GLU B 112 8.90 -8.66 2.72
N LEU B 113 9.46 -7.49 2.37
CA LEU B 113 10.89 -7.21 2.73
C LEU B 113 11.08 -6.87 4.20
N ASN B 114 10.19 -6.08 4.72
CA ASN B 114 10.41 -5.51 6.02
C ASN B 114 11.70 -4.72 6.14
N PRO B 115 11.88 -3.64 5.33
CA PRO B 115 13.13 -2.89 5.34
C PRO B 115 13.31 -2.17 6.65
N ASP B 116 14.56 -1.86 6.97
CA ASP B 116 14.95 -1.38 8.24
C ASP B 116 15.24 0.10 8.03
N ILE B 117 15.81 0.38 6.86
CA ILE B 117 16.12 1.69 6.43
C ILE B 117 15.66 1.82 5.01
N VAL B 118 14.99 2.93 4.76
CA VAL B 118 14.61 3.37 3.44
C VAL B 118 15.45 4.63 3.20
N ILE B 119 16.13 4.67 2.05
CA ILE B 119 17.02 5.74 1.77
C ILE B 119 16.61 6.40 0.45
N VAL B 120 16.64 7.72 0.44
CA VAL B 120 16.30 8.50 -0.71
C VAL B 120 17.57 9.21 -1.16
N VAL B 121 17.94 9.00 -2.41
CA VAL B 121 19.07 9.68 -2.95
C VAL B 121 18.46 10.83 -3.77
N GLU B 122 19.08 12.02 -3.66
CA GLU B 122 18.53 13.24 -4.26
C GLU B 122 19.62 14.05 -4.81
N THR B 123 19.19 14.95 -5.70
CA THR B 123 19.93 16.12 -6.13
C THR B 123 19.09 17.01 -7.03
N ASP B 124 19.62 18.18 -7.38
CA ASP B 124 18.92 19.07 -8.28
C ASP B 124 18.54 18.36 -9.55
N GLY B 125 17.38 18.72 -10.09
CA GLY B 125 16.94 18.27 -11.40
C GLY B 125 17.73 18.85 -12.57
N ASP B 126 18.66 19.76 -12.33
CA ASP B 126 19.60 20.22 -13.39
C ASP B 126 20.71 19.22 -13.50
N GLU B 127 21.16 18.79 -12.34
CA GLU B 127 22.28 17.88 -12.24
C GLU B 127 21.91 16.51 -12.79
N ILE B 128 20.69 16.09 -12.48
CA ILE B 128 20.15 14.80 -12.89
C ILE B 128 19.96 14.85 -14.40
N LEU B 129 19.52 15.98 -14.93
CA LEU B 129 19.25 16.04 -16.37
C LEU B 129 20.51 15.83 -17.18
N MET B 130 21.64 16.18 -16.61
CA MET B 130 22.95 16.05 -17.28
C MET B 130 23.51 14.63 -17.09
N ARG B 131 23.10 14.00 -15.99
CA ARG B 131 23.52 12.64 -15.76
C ARG B 131 22.86 11.72 -16.79
N ARG B 132 21.57 11.97 -17.01
CA ARG B 132 20.76 11.40 -18.08
C ARG B 132 21.29 11.61 -19.50
N LEU B 133 22.00 12.69 -19.80
CA LEU B 133 22.55 12.90 -21.14
C LEU B 133 23.91 12.25 -21.25
N SER B 134 24.67 12.30 -20.17
CA SER B 134 25.96 11.65 -20.16
C SER B 134 25.84 10.23 -19.55
N ASP B 135 25.00 9.43 -20.16
CA ASP B 135 24.90 8.04 -19.77
C ASP B 135 24.66 7.15 -20.98
N GLU B 136 25.74 6.67 -21.62
CA GLU B 136 25.59 5.92 -22.88
C GLU B 136 24.75 4.68 -22.67
N SER B 137 24.97 4.03 -21.53
CA SER B 137 24.32 2.76 -21.21
C SER B 137 22.79 2.72 -21.36
N ARG B 138 22.17 3.88 -21.67
CA ARG B 138 20.72 4.00 -21.75
C ARG B 138 20.20 4.84 -22.94
N LYS B 139 18.94 5.21 -22.81
CA LYS B 139 18.14 5.82 -23.85
C LYS B 139 17.19 6.64 -23.03
N ARG B 140 17.67 7.68 -22.37
CA ARG B 140 16.75 8.41 -21.48
C ARG B 140 15.83 9.35 -22.25
N ASP B 141 14.76 9.73 -21.58
CA ASP B 141 13.65 10.43 -22.16
C ASP B 141 13.80 11.91 -21.84
N LEU B 142 14.69 12.26 -20.93
CA LEU B 142 15.00 13.70 -20.69
C LEU B 142 13.80 14.61 -20.48
N GLU B 143 13.30 14.63 -19.24
CA GLU B 143 12.06 15.38 -18.92
C GLU B 143 12.30 16.74 -18.28
N THR B 144 11.22 17.42 -17.88
CA THR B 144 11.33 18.82 -17.45
C THR B 144 11.80 18.88 -16.03
N THR B 145 12.52 19.93 -15.65
CA THR B 145 13.00 20.12 -14.28
C THR B 145 11.87 19.96 -13.25
N ALA B 146 10.77 20.68 -13.47
CA ALA B 146 9.59 20.69 -12.64
C ALA B 146 9.05 19.31 -12.47
N SER B 147 9.17 18.47 -13.51
CA SER B 147 8.64 17.13 -13.38
C SER B 147 9.55 16.26 -12.51
N ILE B 148 10.85 16.58 -12.46
CA ILE B 148 11.75 15.83 -11.58
C ILE B 148 11.45 16.16 -10.12
N GLU B 149 11.32 17.44 -9.77
CA GLU B 149 11.01 17.83 -8.39
C GLU B 149 9.65 17.36 -7.93
N GLU B 150 8.73 17.19 -8.86
CA GLU B 150 7.40 16.68 -8.44
C GLU B 150 7.54 15.22 -8.08
N HIS B 151 8.26 14.48 -8.89
CA HIS B 151 8.60 13.08 -8.58
C HIS B 151 9.42 12.95 -7.31
N GLN B 152 10.47 13.74 -7.21
CA GLN B 152 11.30 13.73 -5.98
C GLN B 152 10.55 14.14 -4.73
N PHE B 153 9.46 14.91 -4.92
CA PHE B 153 8.48 15.28 -3.86
C PHE B 153 7.59 14.14 -3.39
N MET B 154 6.77 13.64 -4.31
CA MET B 154 6.04 12.40 -4.08
C MET B 154 6.90 11.21 -3.67
N ASN B 155 8.15 11.13 -4.11
CA ASN B 155 9.02 10.12 -3.59
C ASN B 155 9.14 10.20 -2.10
N ARG B 156 9.26 11.43 -1.58
CA ARG B 156 9.50 11.66 -0.16
C ARG B 156 8.30 11.28 0.58
N ALA B 157 7.12 11.64 0.12
CA ALA B 157 5.94 11.18 0.84
C ALA B 157 5.69 9.61 0.77
N ALA B 158 6.01 9.03 -0.39
CA ALA B 158 6.14 7.55 -0.53
C ALA B 158 7.12 7.01 0.50
N ALA B 159 8.29 7.55 0.52
CA ALA B 159 9.31 6.92 1.35
C ALA B 159 9.00 7.18 2.80
N MET B 160 8.31 8.29 3.09
CA MET B 160 7.85 8.50 4.44
C MET B 160 6.73 7.55 4.83
N SER B 161 5.66 7.50 4.05
CA SER B 161 4.70 6.37 4.26
C SER B 161 5.33 5.07 4.69
N TYR B 162 6.48 4.72 4.11
CA TYR B 162 7.05 3.40 4.24
C TYR B 162 7.56 3.30 5.63
N GLY B 163 8.13 4.38 6.15
CA GLY B 163 8.65 4.44 7.55
C GLY B 163 7.54 4.19 8.58
N VAL B 164 6.39 4.83 8.41
CA VAL B 164 5.27 4.69 9.33
C VAL B 164 4.69 3.28 9.38
N LEU B 165 4.77 2.58 8.25
CA LEU B 165 4.19 1.22 8.16
C LEU B 165 5.11 0.11 8.65
N THR B 166 6.31 0.04 8.08
CA THR B 166 7.39 -0.85 8.52
C THR B 166 8.20 -0.41 9.78
N GLY B 167 8.13 0.86 10.15
CA GLY B 167 8.94 1.39 11.28
C GLY B 167 10.39 1.59 10.87
N ALA B 168 10.66 1.36 9.58
CA ALA B 168 11.95 1.62 8.97
C ALA B 168 12.39 3.09 9.24
N THR B 169 13.71 3.40 9.21
CA THR B 169 14.15 4.79 9.23
C THR B 169 14.32 5.33 7.82
N VAL B 170 13.95 6.61 7.64
CA VAL B 170 13.99 7.23 6.32
C VAL B 170 15.22 8.17 6.22
N LYS B 171 16.24 7.67 5.51
CA LYS B 171 17.51 8.36 5.35
C LYS B 171 17.53 9.06 4.01
N ILE B 172 17.84 10.35 4.02
CA ILE B 172 17.90 11.13 2.80
C ILE B 172 19.36 11.46 2.52
N VAL B 173 19.75 11.37 1.27
CA VAL B 173 21.16 11.34 0.96
C VAL B 173 21.23 12.02 -0.35
N LYS B 174 22.23 12.90 -0.46
CA LYS B 174 22.47 13.72 -1.60
C LYS B 174 23.72 13.23 -2.37
N ASN B 175 23.63 13.26 -3.71
CA ASN B 175 24.68 12.88 -4.59
C ASN B 175 24.84 14.01 -5.60
N LYS B 176 25.71 14.96 -5.30
CA LYS B 176 25.98 16.08 -6.25
C LYS B 176 26.98 15.65 -7.33
N ASN B 177 27.23 16.49 -8.30
CA ASN B 177 28.21 16.22 -9.33
C ASN B 177 29.62 16.16 -8.84
N GLY B 178 30.37 15.18 -9.34
CA GLY B 178 31.73 14.94 -8.87
C GLY B 178 31.76 14.53 -7.40
N LEU B 179 30.61 14.53 -6.71
CA LEU B 179 30.77 14.19 -5.26
C LEU B 179 30.15 12.88 -4.89
N VAL B 180 30.44 11.89 -5.75
CA VAL B 180 29.86 10.55 -5.75
C VAL B 180 30.23 9.80 -4.50
N ASP B 181 31.41 10.14 -3.98
CA ASP B 181 31.93 9.44 -2.82
C ASP B 181 31.38 9.98 -1.46
N ASN B 182 30.65 11.11 -1.45
CA ASN B 182 30.01 11.58 -0.18
C ASN B 182 28.84 10.69 0.11
N ALA B 183 28.14 10.32 -0.96
CA ALA B 183 26.97 9.48 -0.86
C ALA B 183 27.40 8.09 -0.39
N VAL B 184 28.40 7.53 -1.07
CA VAL B 184 28.91 6.17 -0.82
C VAL B 184 29.16 6.00 0.68
N GLU B 185 29.89 6.95 1.24
CA GLU B 185 30.43 6.89 2.60
C GLU B 185 29.33 7.16 3.62
N GLU B 186 28.48 8.10 3.30
CA GLU B 186 27.37 8.40 4.15
C GLU B 186 26.38 7.21 4.20
N LEU B 187 26.29 6.46 3.07
CA LEU B 187 25.45 5.22 2.94
C LEU B 187 25.96 4.10 3.79
N MET B 188 27.28 3.95 3.81
CA MET B 188 27.96 2.87 4.52
C MET B 188 27.80 3.07 5.99
N SER B 189 28.01 4.33 6.36
CA SER B 189 27.95 4.80 7.72
C SER B 189 26.63 4.41 8.34
N VAL B 190 25.63 4.22 7.49
CA VAL B 190 24.33 3.80 7.95
C VAL B 190 24.06 2.39 7.49
N LEU B 191 24.77 1.98 6.45
CA LEU B 191 24.71 0.59 5.94
C LEU B 191 25.29 -0.47 6.90
N ARG B 192 26.41 -0.17 7.54
CA ARG B 192 27.07 -1.15 8.43
C ARG B 192 26.35 -1.36 9.77
N LYS C 2 -13.72 -7.82 -13.29
CA LYS C 2 -12.82 -7.01 -12.41
C LYS C 2 -12.77 -5.52 -12.84
N ASN C 3 -13.72 -4.69 -12.41
CA ASN C 3 -13.80 -3.33 -12.96
C ASN C 3 -12.75 -2.33 -12.40
N LYS C 4 -12.80 -1.06 -12.84
CA LYS C 4 -11.84 -0.04 -12.39
C LYS C 4 -12.46 1.09 -11.57
N VAL C 5 -11.92 1.30 -10.38
CA VAL C 5 -12.28 2.46 -9.57
C VAL C 5 -11.22 3.57 -9.66
N VAL C 6 -11.62 4.68 -10.27
CA VAL C 6 -10.85 5.94 -10.20
C VAL C 6 -11.41 6.99 -9.19
N VAL C 7 -10.51 7.53 -8.34
CA VAL C 7 -10.72 8.59 -7.35
C VAL C 7 -10.18 10.00 -7.91
N VAL C 8 -11.08 10.96 -8.10
CA VAL C 8 -10.73 12.31 -8.57
C VAL C 8 -10.83 13.35 -7.45
N THR C 9 -9.67 13.77 -6.96
CA THR C 9 -9.60 14.60 -5.77
C THR C 9 -9.14 16.04 -6.13
N GLY C 10 -9.33 17.01 -5.25
CA GLY C 10 -9.03 18.36 -5.56
C GLY C 10 -9.26 19.24 -4.38
N VAL C 11 -8.84 20.52 -4.42
CA VAL C 11 -9.41 21.44 -3.44
C VAL C 11 -10.67 22.09 -4.02
N PRO C 12 -11.61 22.52 -3.17
CA PRO C 12 -12.77 23.15 -3.77
C PRO C 12 -12.42 24.25 -4.76
N GLY C 13 -13.16 24.29 -5.88
CA GLY C 13 -12.99 25.40 -6.77
C GLY C 13 -11.85 25.09 -7.70
N VAL C 14 -11.20 23.95 -7.52
CA VAL C 14 -10.18 23.50 -8.48
C VAL C 14 -10.75 22.94 -9.85
N GLY C 15 -11.95 22.38 -9.83
CA GLY C 15 -12.60 21.98 -11.09
C GLY C 15 -12.57 20.46 -11.29
N GLY C 16 -12.31 19.73 -10.19
CA GLY C 16 -12.33 18.30 -10.25
C GLY C 16 -13.58 17.80 -10.95
N THR C 17 -14.71 18.41 -10.64
CA THR C 17 -15.98 17.85 -11.04
C THR C 17 -16.20 18.04 -12.49
N THR C 18 -16.09 19.28 -12.96
CA THR C 18 -16.31 19.54 -14.33
C THR C 18 -15.41 18.62 -15.14
N VAL C 19 -14.10 18.63 -14.85
CA VAL C 19 -13.11 17.91 -15.66
C VAL C 19 -13.51 16.45 -15.76
N THR C 20 -13.84 15.85 -14.61
CA THR C 20 -14.49 14.58 -14.55
C THR C 20 -15.73 14.48 -15.46
N GLN C 21 -16.79 15.21 -15.17
CA GLN C 21 -18.00 15.09 -15.99
C GLN C 21 -17.71 15.21 -17.49
N LYS C 22 -17.01 16.26 -17.88
CA LYS C 22 -16.77 16.48 -19.28
C LYS C 22 -15.90 15.34 -19.81
N ALA C 23 -15.31 14.58 -18.91
CA ALA C 23 -14.41 13.54 -19.36
C ALA C 23 -15.23 12.32 -19.70
N MET C 24 -16.16 11.96 -18.83
CA MET C 24 -17.00 10.79 -19.04
C MET C 24 -17.93 10.94 -20.27
N ASP C 25 -18.41 12.15 -20.52
CA ASP C 25 -19.30 12.41 -21.66
C ASP C 25 -18.62 12.06 -23.02
N ILE C 26 -17.40 12.54 -23.22
CA ILE C 26 -16.61 12.16 -24.38
C ILE C 26 -16.34 10.66 -24.43
N LEU C 27 -16.24 10.05 -23.24
CA LEU C 27 -16.02 8.61 -23.14
C LEU C 27 -17.29 7.82 -23.41
N SER C 28 -18.42 8.28 -22.86
CA SER C 28 -19.71 7.63 -23.09
C SER C 28 -19.93 7.31 -24.58
N GLU C 29 -19.75 8.29 -25.45
CA GLU C 29 -19.96 8.13 -26.88
C GLU C 29 -19.01 7.13 -27.53
N GLU C 30 -17.86 6.89 -26.90
CA GLU C 30 -16.83 5.98 -27.43
C GLU C 30 -17.00 4.51 -27.00
N GLY C 31 -17.49 4.30 -25.76
CA GLY C 31 -17.69 2.93 -25.21
C GLY C 31 -17.67 2.76 -23.70
N LEU C 32 -16.80 3.54 -23.03
CA LEU C 32 -16.55 3.47 -21.58
C LEU C 32 -17.59 4.24 -20.75
N ASN C 33 -18.51 3.52 -20.12
CA ASN C 33 -19.55 4.14 -19.29
C ASN C 33 -19.25 4.16 -17.79
N TYR C 34 -18.37 5.06 -17.38
CA TYR C 34 -18.13 5.31 -15.94
C TYR C 34 -19.37 5.80 -15.17
N LYS C 35 -19.31 5.68 -13.85
CA LYS C 35 -20.29 6.31 -13.00
C LYS C 35 -19.77 7.71 -12.60
N MET C 36 -20.65 8.50 -12.00
CA MET C 36 -20.38 9.87 -11.69
C MET C 36 -20.59 10.05 -10.19
N VAL C 37 -20.46 8.99 -9.39
CA VAL C 37 -20.65 9.14 -7.94
C VAL C 37 -19.93 10.41 -7.44
N ASN C 38 -20.43 10.96 -6.33
CA ASN C 38 -19.94 12.18 -5.72
C ASN C 38 -19.80 11.94 -4.23
N PHE C 39 -18.64 11.50 -3.80
CA PHE C 39 -18.55 10.98 -2.45
C PHE C 39 -19.14 11.89 -1.39
N GLY C 40 -19.28 13.19 -1.70
CA GLY C 40 -19.77 14.16 -0.73
C GLY C 40 -21.27 14.06 -0.59
N SER C 41 -21.94 14.11 -1.74
CA SER C 41 -23.36 13.85 -1.82
C SER C 41 -23.73 12.43 -1.38
N ALA C 42 -22.77 11.52 -1.36
CA ALA C 42 -23.03 10.18 -0.81
C ALA C 42 -23.60 10.34 0.60
N MET C 43 -22.89 11.11 1.41
CA MET C 43 -23.25 11.34 2.79
C MET C 43 -24.35 12.41 3.00
N PHE C 44 -24.86 13.01 1.93
CA PHE C 44 -25.89 14.07 2.01
C PHE C 44 -27.24 13.55 1.48
N ASP C 45 -27.20 12.31 1.00
CA ASP C 45 -28.41 11.56 0.74
C ASP C 45 -28.80 10.85 2.04
N VAL C 46 -27.81 10.73 2.93
CA VAL C 46 -28.01 10.09 4.20
C VAL C 46 -27.89 11.09 5.37
N ALA C 47 -27.91 12.41 5.09
CA ALA C 47 -27.70 13.50 6.13
C ALA C 47 -28.90 14.36 6.58
N ASN C 48 -29.51 15.11 5.63
CA ASN C 48 -30.81 15.79 5.84
C ASN C 48 -31.83 14.72 6.18
N GLU C 49 -31.64 13.56 5.54
CA GLU C 49 -32.26 12.29 5.88
C GLU C 49 -32.09 11.89 7.38
N GLU C 50 -31.09 12.46 8.07
CA GLU C 50 -30.92 12.21 9.52
C GLU C 50 -30.55 13.46 10.33
N GLY C 51 -30.85 14.62 9.75
CA GLY C 51 -30.74 15.91 10.43
C GLY C 51 -29.40 16.33 11.01
N LEU C 52 -28.39 16.50 10.15
CA LEU C 52 -27.06 17.02 10.55
C LEU C 52 -26.66 18.31 9.81
N ALA C 53 -27.13 18.44 8.57
CA ALA C 53 -26.93 19.67 7.78
C ALA C 53 -28.27 20.31 7.41
N SER C 54 -28.19 21.45 6.73
CA SER C 54 -29.35 22.08 6.12
C SER C 54 -29.03 22.47 4.69
N ASP C 55 -27.85 22.05 4.24
CA ASP C 55 -27.39 22.10 2.83
C ASP C 55 -26.00 21.46 2.72
N ARG C 56 -25.40 21.53 1.52
CA ARG C 56 -24.10 20.90 1.23
C ARG C 56 -22.87 21.78 1.58
N ASP C 57 -23.11 22.85 2.35
CA ASP C 57 -22.06 23.72 2.86
C ASP C 57 -22.15 23.87 4.41
N GLN C 58 -23.05 23.09 5.04
CA GLN C 58 -23.17 23.02 6.52
C GLN C 58 -22.93 21.59 7.08
N MET C 59 -22.00 20.88 6.44
CA MET C 59 -21.60 19.49 6.77
C MET C 59 -20.18 19.38 7.38
N ARG C 60 -19.27 20.24 6.88
CA ARG C 60 -17.90 20.43 7.43
C ARG C 60 -17.84 21.55 8.52
N LYS C 61 -19.00 21.88 9.09
CA LYS C 61 -19.14 22.77 10.25
C LYS C 61 -19.78 21.98 11.40
N LEU C 62 -19.88 20.66 11.21
CA LEU C 62 -20.30 19.72 12.27
C LEU C 62 -19.05 19.07 12.88
N ASP C 63 -19.21 18.37 14.01
CA ASP C 63 -18.07 17.78 14.74
C ASP C 63 -17.48 16.49 14.09
N PRO C 64 -16.19 16.15 14.39
CA PRO C 64 -15.51 14.91 13.92
C PRO C 64 -16.30 13.59 14.03
N GLU C 65 -16.92 13.35 15.19
CA GLU C 65 -17.71 12.14 15.50
C GLU C 65 -19.06 12.03 14.74
N THR C 66 -19.44 13.14 14.07
CA THR C 66 -20.71 13.29 13.35
C THR C 66 -20.61 12.81 11.89
N GLN C 67 -19.54 13.24 11.20
CA GLN C 67 -19.26 12.88 9.79
C GLN C 67 -18.66 11.48 9.63
N LYS C 68 -17.84 11.07 10.61
CA LYS C 68 -17.02 9.83 10.53
C LYS C 68 -17.79 8.53 10.81
N ARG C 69 -19.10 8.67 11.01
CA ARG C 69 -20.03 7.54 10.98
C ARG C 69 -20.51 7.33 9.53
N ILE C 70 -20.99 8.42 8.93
CA ILE C 70 -21.66 8.41 7.63
C ILE C 70 -20.66 8.28 6.50
N GLN C 71 -19.43 7.99 6.89
CA GLN C 71 -18.38 7.76 5.93
C GLN C 71 -18.28 6.29 5.61
N LYS C 72 -17.98 5.46 6.61
CA LYS C 72 -17.76 4.03 6.33
C LYS C 72 -18.98 3.35 5.72
N MET C 73 -20.04 4.14 5.47
CA MET C 73 -21.26 3.58 4.89
C MET C 73 -21.32 3.76 3.38
N ALA C 74 -20.98 4.95 2.90
CA ALA C 74 -20.84 5.19 1.47
C ALA C 74 -19.69 4.31 0.99
N GLY C 75 -18.73 4.12 1.88
CA GLY C 75 -17.54 3.31 1.67
C GLY C 75 -17.78 2.03 0.91
N ARG C 76 -18.74 1.24 1.38
CA ARG C 76 -19.10 -0.04 0.73
C ARG C 76 -20.33 0.14 -0.16
N LYS C 77 -21.20 1.07 0.20
CA LYS C 77 -22.30 1.46 -0.68
C LYS C 77 -21.83 1.91 -2.07
N ILE C 78 -20.73 2.65 -2.15
CA ILE C 78 -20.16 2.98 -3.45
C ILE C 78 -19.45 1.75 -4.00
N ALA C 79 -18.74 1.03 -3.13
CA ALA C 79 -18.06 -0.23 -3.51
C ALA C 79 -18.99 -1.20 -4.25
N GLU C 80 -20.26 -1.19 -3.80
CA GLU C 80 -21.33 -1.97 -4.40
C GLU C 80 -21.43 -1.59 -5.88
N MET C 81 -21.44 -0.29 -6.14
CA MET C 81 -21.71 0.25 -7.47
C MET C 81 -20.61 -0.18 -8.42
N ALA C 82 -19.50 -0.61 -7.81
CA ALA C 82 -18.33 -1.13 -8.53
C ALA C 82 -18.60 -2.57 -9.00
N LYS C 83 -19.53 -3.26 -8.33
CA LYS C 83 -20.09 -4.48 -8.87
C LYS C 83 -21.17 -4.15 -9.93
N GLU C 84 -20.99 -3.09 -10.70
CA GLU C 84 -21.94 -2.78 -11.79
C GLU C 84 -21.25 -2.09 -12.96
N SER C 85 -20.41 -1.10 -12.65
CA SER C 85 -19.75 -0.26 -13.66
C SER C 85 -18.40 0.35 -13.21
N PRO C 86 -17.58 0.81 -14.16
CA PRO C 86 -16.35 1.50 -13.74
C PRO C 86 -16.72 2.78 -12.98
N VAL C 87 -16.24 2.92 -11.76
CA VAL C 87 -16.63 4.07 -10.99
C VAL C 87 -15.61 5.21 -11.18
N ALA C 88 -16.05 6.42 -10.83
CA ALA C 88 -15.21 7.61 -10.71
C ALA C 88 -15.76 8.34 -9.53
N VAL C 89 -15.13 8.11 -8.38
CA VAL C 89 -15.54 8.67 -7.09
C VAL C 89 -14.96 10.03 -6.97
N ASP C 90 -15.82 11.03 -7.16
CA ASP C 90 -15.39 12.43 -7.08
C ASP C 90 -15.36 12.82 -5.63
N THR C 91 -14.18 12.86 -5.02
CA THR C 91 -14.04 13.18 -3.57
C THR C 91 -12.84 14.13 -3.24
N HIS C 92 -12.39 14.14 -1.98
CA HIS C 92 -11.41 15.10 -1.53
C HIS C 92 -10.30 14.35 -0.87
N SER C 93 -9.07 14.55 -1.32
CA SER C 93 -7.98 13.93 -0.68
C SER C 93 -7.98 14.24 0.85
N THR C 94 -7.99 15.52 1.28
CA THR C 94 -8.32 15.81 2.68
C THR C 94 -9.45 16.78 2.75
N VAL C 95 -9.91 17.08 3.95
CA VAL C 95 -10.97 18.11 4.07
C VAL C 95 -10.62 19.29 5.02
N LYS C 96 -10.64 20.52 4.52
CA LYS C 96 -10.41 21.68 5.40
C LYS C 96 -11.48 21.71 6.50
N THR C 97 -11.10 21.48 7.76
CA THR C 97 -12.02 21.68 8.94
C THR C 97 -11.27 22.21 10.14
N PRO C 98 -12.00 22.93 11.03
CA PRO C 98 -11.58 23.52 12.31
C PRO C 98 -10.62 22.64 13.08
N LYS C 99 -11.00 21.38 13.29
CA LYS C 99 -10.08 20.37 13.78
C LYS C 99 -8.79 20.07 12.92
N GLY C 100 -8.70 20.58 11.69
CA GLY C 100 -7.51 20.28 10.86
C GLY C 100 -7.78 19.43 9.61
N TYR C 101 -6.74 18.98 8.93
CA TYR C 101 -7.00 18.27 7.65
C TYR C 101 -7.51 16.87 7.90
N LEU C 102 -8.76 16.59 7.54
CA LEU C 102 -9.34 15.29 7.83
C LEU C 102 -9.29 14.50 6.53
N PRO C 103 -8.82 13.24 6.64
CA PRO C 103 -8.60 12.38 5.45
C PRO C 103 -9.92 12.06 4.80
N GLY C 104 -10.00 12.18 3.49
CA GLY C 104 -11.26 11.97 2.78
C GLY C 104 -11.55 10.51 2.48
N LEU C 105 -10.56 9.64 2.65
CA LEU C 105 -10.64 8.22 2.42
C LEU C 105 -9.66 7.48 3.37
N PRO C 106 -9.96 7.45 4.68
CA PRO C 106 -9.13 6.75 5.67
C PRO C 106 -9.16 5.26 5.37
N ALA C 107 -8.10 4.56 5.76
CA ALA C 107 -7.86 3.14 5.41
C ALA C 107 -9.15 2.31 5.19
N TRP C 108 -10.00 2.25 6.20
CA TRP C 108 -11.22 1.43 6.10
C TRP C 108 -12.06 1.81 4.87
N VAL C 109 -11.99 3.05 4.42
CA VAL C 109 -12.77 3.39 3.23
C VAL C 109 -12.00 3.04 2.00
N LEU C 110 -10.67 2.94 2.16
CA LEU C 110 -9.76 2.68 1.09
C LEU C 110 -9.83 1.18 0.68
N THR C 111 -9.89 0.30 1.68
CA THR C 111 -10.13 -1.10 1.37
C THR C 111 -11.49 -1.29 0.72
N GLU C 112 -12.54 -0.75 1.33
CA GLU C 112 -13.86 -0.95 0.78
C GLU C 112 -13.85 -0.52 -0.68
N LEU C 113 -13.29 0.66 -1.00
CA LEU C 113 -13.30 1.11 -2.41
C LEU C 113 -12.24 0.47 -3.32
N ASN C 114 -11.05 0.22 -2.78
CA ASN C 114 -9.95 -0.36 -3.52
C ASN C 114 -9.77 0.36 -4.86
N PRO C 115 -9.07 1.49 -4.83
CA PRO C 115 -8.95 2.27 -6.06
C PRO C 115 -7.83 1.77 -6.98
N ASP C 116 -8.01 1.96 -8.28
CA ASP C 116 -6.92 1.62 -9.21
C ASP C 116 -6.04 2.85 -9.51
N ILE C 117 -6.61 4.04 -9.41
CA ILE C 117 -5.87 5.28 -9.64
C ILE C 117 -6.50 6.33 -8.76
N VAL C 118 -5.66 7.20 -8.22
CA VAL C 118 -6.13 8.39 -7.52
C VAL C 118 -5.64 9.54 -8.37
N ILE C 119 -6.38 10.65 -8.40
CA ILE C 119 -6.02 11.77 -9.21
C ILE C 119 -6.13 13.04 -8.42
N VAL C 120 -5.07 13.87 -8.46
CA VAL C 120 -5.05 15.12 -7.63
C VAL C 120 -5.10 16.27 -8.60
N VAL C 121 -6.29 16.82 -8.87
CA VAL C 121 -6.41 17.97 -9.79
C VAL C 121 -5.84 19.26 -9.12
N GLU C 122 -4.96 19.95 -9.80
CA GLU C 122 -4.32 21.14 -9.23
C GLU C 122 -4.42 22.38 -10.01
N THR C 123 -3.87 23.47 -9.43
CA THR C 123 -3.63 24.74 -10.10
C THR C 123 -3.13 25.69 -9.01
N ASP C 124 -2.76 26.92 -9.40
CA ASP C 124 -2.38 27.96 -8.46
C ASP C 124 -3.52 28.37 -7.53
N GLY C 125 -3.15 28.83 -6.35
CA GLY C 125 -4.11 29.42 -5.44
C GLY C 125 -4.79 30.65 -6.05
N ASP C 126 -4.05 31.44 -6.83
CA ASP C 126 -4.51 32.70 -7.43
C ASP C 126 -5.62 32.44 -8.41
N GLU C 127 -5.45 31.40 -9.22
CA GLU C 127 -6.45 30.94 -10.18
C GLU C 127 -7.61 30.23 -9.52
N ILE C 128 -7.28 29.33 -8.60
CA ILE C 128 -8.32 28.77 -7.72
C ILE C 128 -9.19 29.89 -7.10
N LEU C 129 -8.54 30.96 -6.64
CA LEU C 129 -9.26 32.01 -5.88
C LEU C 129 -10.15 32.72 -6.89
N MET C 130 -9.55 33.05 -8.01
CA MET C 130 -10.27 33.70 -9.06
C MET C 130 -11.50 32.91 -9.51
N ARG C 131 -11.44 31.58 -9.36
CA ARG C 131 -12.53 30.72 -9.77
C ARG C 131 -13.59 30.62 -8.74
N ARG C 132 -13.16 30.55 -7.49
CA ARG C 132 -14.08 30.62 -6.37
C ARG C 132 -15.03 31.80 -6.38
N LEU C 133 -14.66 32.90 -7.04
CA LEU C 133 -15.47 34.12 -7.01
C LEU C 133 -16.53 34.12 -8.07
N SER C 134 -16.18 33.66 -9.27
CA SER C 134 -17.05 33.69 -10.45
C SER C 134 -18.11 32.60 -10.47
N ASP C 135 -18.02 31.69 -9.52
CA ASP C 135 -19.04 30.62 -9.39
C ASP C 135 -20.28 31.00 -8.55
N GLU C 136 -21.25 31.69 -9.15
CA GLU C 136 -22.45 32.16 -8.40
C GLU C 136 -23.22 31.01 -7.76
N SER C 137 -22.88 29.79 -8.18
CA SER C 137 -23.65 28.65 -7.83
C SER C 137 -23.44 28.24 -6.37
N ARG C 138 -22.39 28.77 -5.74
CA ARG C 138 -22.10 28.42 -4.34
C ARG C 138 -21.27 29.45 -3.54
N LYS C 139 -20.95 29.11 -2.28
CA LYS C 139 -20.23 30.00 -1.36
C LYS C 139 -18.81 29.47 -1.21
N ARG C 140 -17.83 30.32 -1.52
CA ARG C 140 -16.44 29.92 -1.32
C ARG C 140 -15.67 30.82 -0.33
N ASP C 141 -14.82 30.17 0.46
CA ASP C 141 -14.08 30.77 1.56
C ASP C 141 -13.15 31.89 1.03
N LEU C 142 -12.85 31.84 -0.27
CA LEU C 142 -11.82 32.72 -0.81
C LEU C 142 -10.75 33.09 0.26
N GLU C 143 -10.16 32.06 0.86
CA GLU C 143 -9.10 32.23 1.83
C GLU C 143 -7.79 32.54 1.10
N THR C 144 -6.70 32.72 1.81
CA THR C 144 -5.48 33.17 1.19
C THR C 144 -4.81 32.05 0.42
N THR C 145 -3.93 32.45 -0.50
CA THR C 145 -3.09 31.56 -1.26
C THR C 145 -2.26 30.62 -0.39
N ALA C 146 -1.87 31.08 0.77
CA ALA C 146 -1.00 30.27 1.61
C ALA C 146 -1.75 29.03 2.08
N SER C 147 -3.00 29.18 2.42
CA SER C 147 -3.80 28.10 2.97
C SER C 147 -4.14 27.07 1.87
N ILE C 148 -4.43 27.60 0.68
CA ILE C 148 -4.55 26.76 -0.51
C ILE C 148 -3.34 25.88 -0.69
N GLU C 149 -2.16 26.44 -0.50
CA GLU C 149 -0.93 25.68 -0.84
C GLU C 149 -0.65 24.66 0.19
N GLU C 150 -1.00 24.98 1.45
CA GLU C 150 -0.80 24.12 2.60
C GLU C 150 -1.76 22.93 2.48
N HIS C 151 -3.01 23.19 2.06
CA HIS C 151 -3.96 22.19 1.75
C HIS C 151 -3.48 21.28 0.59
N GLN C 152 -3.24 21.89 -0.57
CA GLN C 152 -2.68 21.22 -1.69
C GLN C 152 -1.40 20.48 -1.34
N PHE C 153 -0.70 20.96 -0.35
CA PHE C 153 0.45 20.14 0.10
C PHE C 153 0.01 18.84 0.87
N MET C 154 -0.92 18.98 1.82
CA MET C 154 -1.37 17.83 2.53
C MET C 154 -2.15 16.88 1.61
N ASN C 155 -2.86 17.40 0.61
CA ASN C 155 -3.53 16.59 -0.36
C ASN C 155 -2.58 15.62 -1.11
N ARG C 156 -1.33 16.05 -1.29
CA ARG C 156 -0.34 15.22 -1.96
C ARG C 156 0.11 14.15 -1.00
N ALA C 157 0.49 14.52 0.22
CA ALA C 157 0.96 13.50 1.12
C ALA C 157 -0.17 12.54 1.40
N ALA C 158 -1.42 12.92 1.21
CA ALA C 158 -2.46 11.96 1.55
C ALA C 158 -2.62 11.08 0.34
N ALA C 159 -2.83 11.71 -0.81
CA ALA C 159 -2.93 11.01 -2.11
C ALA C 159 -1.88 9.94 -2.23
N MET C 160 -0.62 10.29 -1.99
CA MET C 160 0.45 9.29 -2.00
C MET C 160 0.29 8.14 -0.99
N SER C 161 -0.11 8.41 0.26
CA SER C 161 -0.39 7.30 1.18
C SER C 161 -1.52 6.44 0.62
N TYR C 162 -2.45 7.00 -0.15
CA TYR C 162 -3.57 6.16 -0.62
C TYR C 162 -3.01 5.18 -1.62
N GLY C 163 -2.03 5.65 -2.40
CA GLY C 163 -1.27 4.85 -3.34
C GLY C 163 -0.44 3.80 -2.60
N VAL C 164 0.21 4.14 -1.49
CA VAL C 164 0.95 3.11 -0.75
C VAL C 164 0.09 1.98 -0.21
N LEU C 165 -0.99 2.35 0.47
CA LEU C 165 -1.93 1.38 1.00
C LEU C 165 -2.73 0.53 0.00
N THR C 166 -2.89 0.94 -1.25
CA THR C 166 -3.89 0.24 -2.09
C THR C 166 -3.22 -0.22 -3.37
N GLY C 167 -2.08 0.37 -3.60
CA GLY C 167 -1.37 0.16 -4.78
C GLY C 167 -1.89 0.99 -5.89
N ALA C 168 -2.86 1.84 -5.62
CA ALA C 168 -3.39 2.80 -6.60
C ALA C 168 -2.32 3.72 -7.16
N THR C 169 -2.24 3.84 -8.48
CA THR C 169 -1.26 4.83 -9.04
C THR C 169 -1.81 6.29 -8.85
N VAL C 170 -0.95 7.25 -8.49
CA VAL C 170 -1.37 8.62 -8.22
C VAL C 170 -1.03 9.52 -9.40
N LYS C 171 -2.10 10.01 -10.05
CA LYS C 171 -1.94 10.98 -11.10
C LYS C 171 -2.16 12.49 -10.65
N ILE C 172 -1.25 13.39 -11.01
CA ILE C 172 -1.48 14.81 -10.78
C ILE C 172 -1.85 15.61 -12.05
N VAL C 173 -3.11 15.98 -12.19
CA VAL C 173 -3.60 16.64 -13.40
C VAL C 173 -3.46 18.15 -13.12
N LYS C 174 -2.99 18.87 -14.09
CA LYS C 174 -2.93 20.31 -13.90
C LYS C 174 -4.13 20.90 -14.67
N ASN C 175 -4.79 21.89 -14.04
CA ASN C 175 -5.97 22.51 -14.64
C ASN C 175 -5.91 24.05 -14.63
N LYS C 176 -5.56 24.61 -15.80
CA LYS C 176 -5.36 26.08 -15.93
C LYS C 176 -6.55 26.80 -16.54
N ASN C 177 -6.64 28.10 -16.34
CA ASN C 177 -7.82 28.83 -16.81
C ASN C 177 -7.84 28.84 -18.30
N GLY C 178 -8.92 28.43 -18.96
CA GLY C 178 -9.00 28.28 -20.44
C GLY C 178 -8.48 26.88 -20.80
N LEU C 179 -7.45 26.44 -20.10
CA LEU C 179 -6.78 25.21 -20.50
C LEU C 179 -7.41 24.00 -19.82
N VAL C 180 -8.73 24.02 -19.71
CA VAL C 180 -9.44 22.99 -18.98
C VAL C 180 -9.59 21.73 -19.85
N ASP C 181 -9.72 21.99 -21.16
CA ASP C 181 -9.63 20.97 -22.19
C ASP C 181 -8.36 20.13 -21.99
N ASN C 182 -7.26 20.77 -21.56
CA ASN C 182 -6.02 20.03 -21.33
C ASN C 182 -6.12 19.03 -20.16
N ALA C 183 -7.00 19.32 -19.20
CA ALA C 183 -7.20 18.48 -18.01
C ALA C 183 -8.08 17.27 -18.31
N VAL C 184 -9.10 17.52 -19.12
CA VAL C 184 -9.89 16.51 -19.79
C VAL C 184 -8.93 16.11 -20.89
N GLU C 185 -9.04 14.89 -21.38
CA GLU C 185 -8.01 14.34 -22.33
C GLU C 185 -6.83 13.76 -21.59
N GLU C 186 -6.47 14.37 -20.49
CA GLU C 186 -5.40 13.81 -19.69
C GLU C 186 -6.09 13.03 -18.61
N LEU C 187 -7.30 13.42 -18.33
CA LEU C 187 -8.05 12.67 -17.38
C LEU C 187 -8.64 11.54 -18.15
N MET C 188 -8.63 11.72 -19.46
CA MET C 188 -9.13 10.74 -20.37
C MET C 188 -8.04 9.70 -20.61
N SER C 189 -6.84 10.12 -20.99
CA SER C 189 -5.78 9.13 -21.17
C SER C 189 -5.60 8.36 -19.88
N VAL C 190 -5.93 8.95 -18.76
CA VAL C 190 -5.85 8.19 -17.54
C VAL C 190 -7.12 7.36 -17.28
N LEU C 191 -8.24 7.75 -17.87
CA LEU C 191 -9.46 7.01 -17.64
C LEU C 191 -9.58 5.82 -18.56
N ARG C 192 -9.22 6.04 -19.83
CA ARG C 192 -9.67 5.22 -20.96
C ARG C 192 -9.83 3.79 -20.51
N LYS D 2 -5.14 -9.91 -4.08
CA LYS D 2 -5.57 -10.21 -5.47
C LYS D 2 -4.66 -11.32 -6.02
N ASN D 3 -4.63 -12.48 -5.38
CA ASN D 3 -3.61 -13.47 -5.79
C ASN D 3 -3.93 -14.23 -7.08
N LYS D 4 -3.16 -15.25 -7.37
CA LYS D 4 -3.34 -15.98 -8.62
C LYS D 4 -3.77 -17.41 -8.28
N VAL D 5 -5.03 -17.75 -8.59
CA VAL D 5 -5.50 -19.13 -8.35
C VAL D 5 -5.35 -19.98 -9.61
N VAL D 6 -4.54 -21.02 -9.50
CA VAL D 6 -4.40 -21.97 -10.66
C VAL D 6 -4.98 -23.30 -10.32
N VAL D 7 -5.97 -23.70 -11.10
CA VAL D 7 -6.67 -25.00 -10.88
C VAL D 7 -6.06 -26.15 -11.72
N VAL D 8 -5.84 -27.29 -11.09
CA VAL D 8 -5.35 -28.44 -11.82
C VAL D 8 -6.42 -29.53 -11.78
N THR D 9 -6.76 -30.08 -12.93
CA THR D 9 -7.85 -31.14 -12.96
C THR D 9 -7.40 -32.33 -13.81
N GLY D 10 -8.11 -33.45 -13.87
CA GLY D 10 -7.59 -34.66 -14.51
C GLY D 10 -8.23 -35.83 -13.85
N VAL D 11 -8.66 -36.81 -14.64
CA VAL D 11 -9.37 -37.92 -14.03
C VAL D 11 -8.44 -38.79 -13.24
N PRO D 12 -8.96 -39.49 -12.23
CA PRO D 12 -8.10 -40.18 -11.29
C PRO D 12 -7.02 -41.07 -11.88
N GLY D 13 -5.76 -40.83 -11.54
CA GLY D 13 -4.73 -41.74 -12.00
C GLY D 13 -4.07 -41.19 -13.25
N VAL D 14 -4.28 -39.91 -13.51
CA VAL D 14 -3.90 -39.33 -14.75
C VAL D 14 -2.73 -38.47 -14.42
N GLY D 15 -2.49 -38.27 -13.14
CA GLY D 15 -1.30 -37.51 -12.66
C GLY D 15 -1.46 -36.15 -12.00
N GLY D 16 -2.68 -35.67 -11.86
CA GLY D 16 -2.94 -34.35 -11.24
C GLY D 16 -2.03 -34.09 -10.05
N THR D 17 -2.21 -34.87 -8.99
CA THR D 17 -1.35 -34.69 -7.85
C THR D 17 0.16 -34.70 -8.13
N THR D 18 0.68 -35.69 -8.87
CA THR D 18 2.15 -35.83 -9.05
C THR D 18 2.75 -34.72 -9.86
N VAL D 19 1.98 -34.06 -10.70
CA VAL D 19 2.56 -33.06 -11.57
C VAL D 19 2.65 -31.68 -10.88
N THR D 20 1.64 -31.40 -10.06
CA THR D 20 1.59 -30.19 -9.30
C THR D 20 2.69 -30.20 -8.20
N GLN D 21 2.79 -31.30 -7.43
CA GLN D 21 3.81 -31.39 -6.38
C GLN D 21 5.20 -31.16 -6.91
N LYS D 22 5.60 -31.93 -7.93
CA LYS D 22 6.98 -31.81 -8.46
C LYS D 22 7.20 -30.40 -9.02
N ALA D 23 6.13 -29.79 -9.51
CA ALA D 23 6.17 -28.40 -9.97
C ALA D 23 6.51 -27.49 -8.80
N MET D 24 5.89 -27.73 -7.66
CA MET D 24 6.12 -26.82 -6.55
C MET D 24 7.42 -27.13 -5.88
N ASP D 25 7.84 -28.38 -5.96
CA ASP D 25 9.18 -28.74 -5.48
C ASP D 25 10.22 -27.88 -6.20
N ILE D 26 9.87 -27.36 -7.35
CA ILE D 26 10.86 -26.64 -8.12
C ILE D 26 10.74 -25.13 -7.94
N LEU D 27 9.49 -24.64 -7.84
CA LEU D 27 9.21 -23.20 -7.75
C LEU D 27 9.29 -22.67 -6.28
N SER D 28 8.87 -23.50 -5.32
CA SER D 28 9.05 -23.19 -3.89
C SER D 28 10.43 -22.62 -3.72
N GLU D 29 11.41 -23.35 -4.24
CA GLU D 29 12.78 -22.93 -4.14
C GLU D 29 13.06 -21.60 -4.83
N GLU D 30 12.83 -21.54 -6.13
CA GLU D 30 13.16 -20.33 -6.87
C GLU D 30 12.53 -19.00 -6.35
N GLY D 31 11.71 -19.07 -5.29
CA GLY D 31 11.18 -17.85 -4.65
C GLY D 31 9.66 -17.62 -4.68
N LEU D 32 8.96 -18.27 -5.61
CA LEU D 32 7.49 -18.24 -5.59
C LEU D 32 7.02 -19.29 -4.59
N ASN D 33 6.19 -18.90 -3.63
CA ASN D 33 5.61 -19.86 -2.71
C ASN D 33 4.10 -19.98 -2.87
N TYR D 34 3.68 -20.48 -4.04
CA TYR D 34 2.39 -21.11 -4.21
C TYR D 34 2.23 -22.16 -3.13
N LYS D 35 1.01 -22.28 -2.62
CA LYS D 35 0.66 -23.29 -1.64
C LYS D 35 -0.27 -24.28 -2.35
N MET D 36 0.08 -25.56 -2.24
CA MET D 36 -0.69 -26.65 -2.82
C MET D 36 -1.99 -26.85 -2.05
N VAL D 37 -3.05 -27.14 -2.77
CA VAL D 37 -4.28 -27.58 -2.11
C VAL D 37 -4.91 -28.74 -2.87
N ASN D 38 -5.38 -29.70 -2.11
CA ASN D 38 -6.15 -30.72 -2.67
C ASN D 38 -7.63 -30.56 -2.39
N PHE D 39 -8.35 -29.92 -3.28
CA PHE D 39 -9.77 -29.61 -3.03
C PHE D 39 -10.50 -30.78 -2.38
N GLY D 40 -10.05 -32.02 -2.65
CA GLY D 40 -10.75 -33.18 -2.06
C GLY D 40 -10.55 -33.27 -0.55
N SER D 41 -9.27 -33.20 -0.15
CA SER D 41 -8.79 -33.23 1.24
C SER D 41 -9.41 -32.12 2.08
N ALA D 42 -9.62 -30.97 1.45
CA ALA D 42 -10.43 -29.90 1.99
C ALA D 42 -11.79 -30.44 2.36
N MET D 43 -12.64 -30.64 1.37
CA MET D 43 -14.00 -31.08 1.70
C MET D 43 -14.03 -32.37 2.46
N PHE D 44 -12.89 -32.99 2.74
CA PHE D 44 -12.96 -34.20 3.54
C PHE D 44 -12.79 -33.80 5.01
N ASP D 45 -11.87 -32.87 5.24
CA ASP D 45 -11.79 -32.14 6.48
C ASP D 45 -13.15 -31.60 6.97
N VAL D 46 -14.01 -31.23 6.03
CA VAL D 46 -15.35 -30.89 6.36
C VAL D 46 -16.23 -32.13 6.58
N ALA D 47 -16.00 -33.23 5.87
CA ALA D 47 -17.00 -34.31 5.96
C ALA D 47 -16.89 -35.12 7.23
N ASN D 48 -15.66 -35.33 7.70
CA ASN D 48 -15.44 -36.16 8.89
C ASN D 48 -15.45 -35.35 10.18
N GLU D 49 -15.17 -34.05 10.05
CA GLU D 49 -15.58 -33.11 11.06
C GLU D 49 -17.12 -33.22 11.31
N GLU D 50 -17.90 -33.59 10.28
CA GLU D 50 -19.33 -33.89 10.44
C GLU D 50 -19.61 -35.38 10.37
N GLY D 51 -18.56 -36.20 10.42
CA GLY D 51 -18.65 -37.68 10.40
C GLY D 51 -19.62 -38.38 9.43
N LEU D 52 -19.66 -37.90 8.20
CA LEU D 52 -20.48 -38.48 7.15
C LEU D 52 -19.73 -39.47 6.25
N ALA D 53 -18.43 -39.23 6.07
CA ALA D 53 -17.57 -40.14 5.29
C ALA D 53 -16.27 -40.35 6.05
N SER D 54 -16.14 -41.54 6.64
CA SER D 54 -14.90 -42.03 7.25
C SER D 54 -13.66 -41.76 6.37
N ASP D 55 -13.70 -42.19 5.10
CA ASP D 55 -12.62 -41.86 4.15
C ASP D 55 -13.24 -41.25 2.91
N ARG D 56 -12.37 -40.83 1.98
CA ARG D 56 -12.74 -39.94 0.86
C ARG D 56 -13.53 -40.64 -0.26
N ASP D 57 -13.32 -41.96 -0.33
CA ASP D 57 -14.06 -42.83 -1.22
C ASP D 57 -15.58 -42.63 -1.05
N GLN D 58 -16.03 -42.60 0.20
CA GLN D 58 -17.43 -42.52 0.53
C GLN D 58 -18.09 -41.16 0.24
N MET D 59 -17.29 -40.19 -0.19
CA MET D 59 -17.76 -38.82 -0.39
C MET D 59 -18.59 -38.72 -1.65
N ARG D 60 -18.09 -39.40 -2.67
CA ARG D 60 -18.65 -39.22 -3.96
C ARG D 60 -19.86 -40.13 -4.09
N LYS D 61 -20.19 -40.86 -2.99
CA LYS D 61 -21.51 -41.51 -2.82
C LYS D 61 -22.53 -40.66 -2.01
N LEU D 62 -22.07 -39.88 -1.04
CA LEU D 62 -23.00 -39.00 -0.29
C LEU D 62 -23.88 -38.37 -1.35
N ASP D 63 -25.09 -37.99 -0.97
CA ASP D 63 -26.05 -37.44 -1.90
C ASP D 63 -25.41 -36.28 -2.62
N PRO D 64 -25.82 -36.01 -3.87
CA PRO D 64 -25.30 -34.83 -4.59
C PRO D 64 -25.43 -33.52 -3.78
N GLU D 65 -26.55 -33.35 -3.04
CA GLU D 65 -26.81 -32.13 -2.18
C GLU D 65 -25.68 -31.92 -1.22
N THR D 66 -25.50 -32.92 -0.37
CA THR D 66 -24.31 -33.07 0.43
C THR D 66 -23.06 -32.71 -0.33
N GLN D 67 -22.71 -33.49 -1.33
CA GLN D 67 -21.49 -33.20 -2.08
C GLN D 67 -21.41 -31.72 -2.40
N LYS D 68 -22.54 -31.14 -2.83
CA LYS D 68 -22.57 -29.76 -3.29
C LYS D 68 -22.35 -28.79 -2.16
N ARG D 69 -22.86 -29.15 -0.99
CA ARG D 69 -22.66 -28.32 0.17
C ARG D 69 -21.23 -28.42 0.67
N ILE D 70 -20.82 -29.60 1.08
CA ILE D 70 -19.41 -29.83 1.41
C ILE D 70 -18.46 -29.14 0.44
N GLN D 71 -18.88 -29.08 -0.82
CA GLN D 71 -18.14 -28.50 -1.90
C GLN D 71 -18.14 -26.99 -1.76
N LYS D 72 -19.33 -26.38 -1.61
CA LYS D 72 -19.46 -24.89 -1.46
C LYS D 72 -18.58 -24.40 -0.34
N MET D 73 -18.63 -25.09 0.77
CA MET D 73 -17.81 -24.74 1.88
C MET D 73 -16.35 -24.78 1.48
N ALA D 74 -15.91 -25.89 0.87
CA ALA D 74 -14.49 -26.07 0.61
C ALA D 74 -13.98 -24.98 -0.31
N GLY D 75 -14.87 -24.42 -1.12
CA GLY D 75 -14.52 -23.34 -1.98
C GLY D 75 -14.18 -22.12 -1.17
N ARG D 76 -15.08 -21.73 -0.25
CA ARG D 76 -14.77 -20.56 0.57
C ARG D 76 -13.55 -20.69 1.47
N LYS D 77 -13.11 -21.93 1.76
CA LYS D 77 -11.94 -22.16 2.62
C LYS D 77 -10.64 -21.95 1.88
N ILE D 78 -10.68 -22.27 0.59
CA ILE D 78 -9.59 -22.00 -0.32
C ILE D 78 -9.61 -20.54 -0.72
N ALA D 79 -10.78 -19.96 -0.96
CA ALA D 79 -10.87 -18.51 -1.24
C ALA D 79 -10.19 -17.72 -0.14
N GLU D 80 -10.31 -18.17 1.11
CA GLU D 80 -9.73 -17.42 2.23
C GLU D 80 -8.24 -17.52 2.20
N MET D 81 -7.77 -18.70 1.87
CA MET D 81 -6.36 -18.97 1.66
C MET D 81 -5.75 -18.02 0.65
N ALA D 82 -6.52 -17.72 -0.41
CA ALA D 82 -6.02 -16.99 -1.56
C ALA D 82 -5.57 -15.62 -1.13
N LYS D 83 -6.18 -15.14 -0.06
CA LYS D 83 -5.88 -13.80 0.43
C LYS D 83 -4.43 -13.81 0.87
N GLU D 84 -3.98 -14.93 1.44
CA GLU D 84 -2.59 -15.10 2.01
C GLU D 84 -1.47 -15.40 1.04
N SER D 85 -1.78 -16.05 -0.08
CA SER D 85 -0.77 -16.62 -0.99
C SER D 85 -1.41 -17.10 -2.29
N PRO D 86 -0.61 -17.31 -3.33
CA PRO D 86 -1.14 -17.84 -4.59
C PRO D 86 -1.43 -19.35 -4.50
N VAL D 87 -2.56 -19.79 -5.00
CA VAL D 87 -2.98 -21.17 -4.83
C VAL D 87 -3.02 -22.04 -6.07
N ALA D 88 -2.69 -23.31 -5.88
CA ALA D 88 -2.71 -24.24 -6.97
C ALA D 88 -3.69 -25.28 -6.51
N VAL D 89 -4.96 -25.12 -6.85
CA VAL D 89 -5.96 -26.01 -6.33
C VAL D 89 -5.94 -27.24 -7.17
N ASP D 90 -5.73 -28.38 -6.57
CA ASP D 90 -5.64 -29.57 -7.36
C ASP D 90 -6.96 -30.18 -7.13
N THR D 91 -7.75 -30.32 -8.19
CA THR D 91 -9.15 -30.79 -8.08
C THR D 91 -9.58 -31.65 -9.31
N HIS D 92 -10.87 -31.68 -9.61
CA HIS D 92 -11.37 -32.45 -10.74
C HIS D 92 -12.34 -31.57 -11.47
N SER D 93 -12.41 -31.72 -12.77
CA SER D 93 -13.31 -30.95 -13.55
C SER D 93 -14.69 -31.43 -13.30
N THR D 94 -14.91 -32.73 -13.35
CA THR D 94 -16.21 -33.28 -12.95
C THR D 94 -15.95 -34.55 -12.18
N VAL D 95 -16.82 -34.90 -11.26
CA VAL D 95 -16.65 -36.10 -10.49
C VAL D 95 -17.58 -37.22 -10.90
N LYS D 96 -17.04 -38.41 -11.24
CA LYS D 96 -17.84 -39.57 -11.58
C LYS D 96 -18.62 -39.90 -10.35
N THR D 97 -19.94 -39.66 -10.41
CA THR D 97 -20.83 -40.20 -9.36
C THR D 97 -21.98 -41.03 -9.90
N PRO D 98 -22.58 -41.88 -9.06
CA PRO D 98 -23.64 -42.82 -9.52
C PRO D 98 -24.83 -42.10 -10.17
N LYS D 99 -24.78 -40.79 -10.05
CA LYS D 99 -25.89 -39.92 -10.39
C LYS D 99 -25.54 -39.16 -11.67
N GLY D 100 -24.35 -39.50 -12.25
CA GLY D 100 -23.78 -38.82 -13.44
C GLY D 100 -22.49 -38.05 -13.13
N TYR D 101 -22.12 -37.15 -14.04
CA TYR D 101 -20.97 -36.27 -13.82
C TYR D 101 -21.36 -35.03 -13.00
N LEU D 102 -20.59 -34.69 -11.99
CA LEU D 102 -20.93 -33.52 -11.14
C LEU D 102 -19.92 -32.39 -11.27
N PRO D 103 -20.40 -31.18 -11.58
CA PRO D 103 -19.40 -30.10 -11.79
C PRO D 103 -18.53 -29.97 -10.56
N GLY D 104 -17.22 -29.92 -10.76
CA GLY D 104 -16.27 -29.74 -9.67
C GLY D 104 -16.22 -28.27 -9.20
N LEU D 105 -16.64 -27.40 -10.10
CA LEU D 105 -16.58 -25.99 -9.89
C LEU D 105 -17.82 -25.35 -10.47
N PRO D 106 -18.97 -25.55 -9.79
CA PRO D 106 -20.23 -25.00 -10.27
C PRO D 106 -20.22 -23.49 -10.10
N ALA D 107 -21.07 -22.79 -10.89
CA ALA D 107 -21.01 -21.37 -11.03
C ALA D 107 -20.55 -20.75 -9.72
N TRP D 108 -21.14 -21.14 -8.60
CA TRP D 108 -20.92 -20.36 -7.40
C TRP D 108 -19.57 -20.58 -6.80
N VAL D 109 -18.98 -21.74 -7.08
CA VAL D 109 -17.63 -22.09 -6.65
C VAL D 109 -16.63 -21.37 -7.54
N LEU D 110 -16.95 -21.18 -8.83
CA LEU D 110 -16.05 -20.38 -9.71
C LEU D 110 -16.14 -18.92 -9.43
N THR D 111 -17.29 -18.54 -8.91
CA THR D 111 -17.48 -17.21 -8.33
C THR D 111 -16.52 -17.02 -7.14
N GLU D 112 -16.48 -17.99 -6.24
CA GLU D 112 -15.70 -17.87 -5.02
C GLU D 112 -14.21 -18.01 -5.24
N LEU D 113 -13.82 -18.63 -6.34
CA LEU D 113 -12.40 -18.81 -6.59
C LEU D 113 -11.93 -17.87 -7.64
N ASN D 114 -12.70 -17.67 -8.69
CA ASN D 114 -12.19 -16.91 -9.80
C ASN D 114 -10.75 -17.27 -10.26
N PRO D 115 -10.54 -18.50 -10.79
CA PRO D 115 -9.22 -18.96 -11.13
C PRO D 115 -8.63 -18.12 -12.20
N ASP D 116 -7.33 -18.22 -12.37
CA ASP D 116 -6.67 -17.51 -13.44
C ASP D 116 -6.41 -18.42 -14.64
N ILE D 117 -5.96 -19.65 -14.35
CA ILE D 117 -5.79 -20.69 -15.36
C ILE D 117 -6.48 -22.01 -14.96
N VAL D 118 -7.14 -22.64 -15.91
CA VAL D 118 -7.65 -24.00 -15.68
C VAL D 118 -6.74 -25.00 -16.36
N ILE D 119 -6.34 -26.03 -15.63
CA ILE D 119 -5.44 -27.02 -16.25
C ILE D 119 -6.08 -28.35 -16.42
N VAL D 120 -6.15 -28.83 -17.65
CA VAL D 120 -6.68 -30.23 -17.90
C VAL D 120 -5.51 -31.17 -18.19
N VAL D 121 -5.34 -32.21 -17.37
CA VAL D 121 -4.16 -33.12 -17.50
C VAL D 121 -4.75 -34.41 -18.04
N GLU D 122 -4.39 -34.73 -19.28
CA GLU D 122 -4.99 -35.86 -20.06
C GLU D 122 -3.87 -36.80 -20.50
N THR D 123 -4.27 -37.93 -21.07
CA THR D 123 -3.37 -38.85 -21.74
C THR D 123 -4.23 -40.02 -22.03
N ASP D 124 -3.65 -40.98 -22.78
CA ASP D 124 -4.39 -42.11 -23.28
C ASP D 124 -5.18 -42.74 -22.16
N GLY D 125 -6.35 -43.25 -22.47
CA GLY D 125 -7.07 -44.11 -21.56
C GLY D 125 -6.33 -45.34 -21.07
N ASP D 126 -5.51 -45.96 -21.94
CA ASP D 126 -4.66 -47.12 -21.52
C ASP D 126 -3.61 -46.75 -20.50
N GLU D 127 -2.78 -45.76 -20.80
CA GLU D 127 -1.84 -45.31 -19.75
C GLU D 127 -2.53 -45.00 -18.39
N ILE D 128 -3.64 -44.23 -18.38
CA ILE D 128 -4.30 -43.86 -17.11
C ILE D 128 -4.68 -45.13 -16.39
N LEU D 129 -5.09 -46.10 -17.19
CA LEU D 129 -5.75 -47.27 -16.66
C LEU D 129 -4.68 -48.18 -16.15
N MET D 130 -3.46 -47.93 -16.55
CA MET D 130 -2.36 -48.72 -16.14
C MET D 130 -1.60 -48.08 -14.98
N ARG D 131 -2.04 -46.93 -14.50
CA ARG D 131 -1.37 -46.27 -13.39
C ARG D 131 -2.17 -46.54 -12.14
N ARG D 132 -3.50 -46.62 -12.29
CA ARG D 132 -4.40 -47.09 -11.23
C ARG D 132 -4.00 -48.49 -10.69
N LEU D 133 -3.29 -49.26 -11.52
CA LEU D 133 -2.72 -50.57 -11.08
C LEU D 133 -1.40 -50.46 -10.32
N SER D 134 -0.44 -49.72 -10.87
CA SER D 134 0.87 -49.51 -10.25
C SER D 134 0.80 -48.84 -8.88
N ASP D 135 0.37 -47.57 -8.84
CA ASP D 135 0.35 -46.85 -7.56
C ASP D 135 -0.92 -47.19 -6.78
N GLU D 136 -0.82 -48.15 -5.88
CA GLU D 136 -1.99 -48.49 -5.09
C GLU D 136 -1.89 -48.01 -3.65
N SER D 137 -1.56 -46.73 -3.54
CA SER D 137 -1.93 -45.92 -2.41
C SER D 137 -3.45 -45.82 -2.42
N ARG D 138 -4.05 -45.91 -3.61
CA ARG D 138 -5.51 -45.83 -3.72
C ARG D 138 -6.03 -47.21 -4.10
N LYS D 139 -7.32 -47.51 -3.88
CA LYS D 139 -7.91 -48.73 -4.44
C LYS D 139 -7.88 -48.49 -5.94
N ARG D 140 -8.50 -49.38 -6.73
CA ARG D 140 -8.69 -49.05 -8.15
C ARG D 140 -10.11 -49.28 -8.67
N ASP D 141 -10.70 -48.22 -9.19
CA ASP D 141 -12.04 -48.35 -9.74
C ASP D 141 -11.97 -49.43 -10.81
N LEU D 142 -10.92 -49.33 -11.64
CA LEU D 142 -10.80 -50.24 -12.77
C LEU D 142 -12.03 -50.13 -13.65
N GLU D 143 -12.02 -49.19 -14.57
CA GLU D 143 -13.16 -49.03 -15.47
C GLU D 143 -12.73 -49.23 -16.88
N THR D 144 -13.66 -49.06 -17.81
CA THR D 144 -13.38 -49.22 -19.22
C THR D 144 -12.86 -47.92 -19.79
N THR D 145 -12.07 -48.02 -20.85
CA THR D 145 -11.47 -46.87 -21.50
C THR D 145 -12.53 -45.97 -22.15
N ALA D 146 -13.71 -46.52 -22.39
CA ALA D 146 -14.72 -45.79 -23.11
C ALA D 146 -15.30 -44.82 -22.14
N SER D 147 -15.25 -45.18 -20.88
CA SER D 147 -15.90 -44.41 -19.89
C SER D 147 -14.90 -43.43 -19.36
N ILE D 148 -13.61 -43.74 -19.50
CA ILE D 148 -12.59 -42.83 -19.04
C ILE D 148 -12.55 -41.74 -20.04
N GLU D 149 -12.58 -42.10 -21.31
CA GLU D 149 -12.56 -41.08 -22.37
C GLU D 149 -13.79 -40.16 -22.32
N GLU D 150 -14.94 -40.79 -22.16
CA GLU D 150 -16.17 -40.08 -22.13
C GLU D 150 -16.02 -39.04 -21.03
N HIS D 151 -15.35 -39.41 -19.95
CA HIS D 151 -15.32 -38.61 -18.78
C HIS D 151 -14.43 -37.44 -19.13
N GLN D 152 -13.29 -37.73 -19.74
CA GLN D 152 -12.39 -36.67 -20.18
C GLN D 152 -13.01 -35.86 -21.25
N PHE D 153 -14.14 -36.26 -21.77
CA PHE D 153 -14.81 -35.45 -22.72
C PHE D 153 -15.66 -34.43 -21.97
N MET D 154 -16.40 -34.93 -21.00
CA MET D 154 -17.20 -34.10 -20.13
C MET D 154 -16.28 -33.08 -19.40
N ASN D 155 -15.02 -33.43 -19.16
CA ASN D 155 -14.16 -32.61 -18.50
C ASN D 155 -13.76 -31.40 -19.27
N ARG D 156 -13.65 -31.57 -20.60
CA ARG D 156 -13.23 -30.53 -21.44
C ARG D 156 -14.32 -29.53 -21.66
N ALA D 157 -15.56 -30.01 -21.74
CA ALA D 157 -16.65 -29.12 -22.02
C ALA D 157 -16.97 -28.29 -20.72
N ALA D 158 -16.67 -28.89 -19.55
CA ALA D 158 -16.94 -28.20 -18.26
C ALA D 158 -15.92 -27.06 -18.10
N ALA D 159 -14.67 -27.43 -18.31
CA ALA D 159 -13.58 -26.57 -18.00
C ALA D 159 -13.55 -25.46 -19.03
N MET D 160 -14.13 -25.72 -20.18
CA MET D 160 -14.17 -24.65 -21.16
C MET D 160 -15.37 -23.73 -20.82
N SER D 161 -16.37 -24.28 -20.17
CA SER D 161 -17.40 -23.52 -19.53
C SER D 161 -16.91 -22.64 -18.40
N TYR D 162 -15.89 -23.07 -17.64
CA TYR D 162 -15.33 -22.31 -16.58
C TYR D 162 -14.56 -21.09 -17.19
N GLY D 163 -13.83 -21.33 -18.27
CA GLY D 163 -13.08 -20.26 -18.96
C GLY D 163 -14.04 -19.19 -19.36
N VAL D 164 -15.20 -19.60 -19.90
CA VAL D 164 -16.15 -18.65 -20.40
C VAL D 164 -16.60 -17.88 -19.21
N LEU D 165 -16.84 -18.62 -18.12
CA LEU D 165 -17.49 -18.06 -16.96
C LEU D 165 -16.58 -17.14 -16.18
N THR D 166 -15.40 -17.61 -15.79
CA THR D 166 -14.43 -16.71 -15.16
C THR D 166 -13.40 -15.97 -16.05
N GLY D 167 -13.45 -16.09 -17.37
CA GLY D 167 -12.39 -15.52 -18.30
C GLY D 167 -11.01 -16.20 -18.11
N ALA D 168 -10.97 -17.31 -17.35
CA ALA D 168 -9.68 -18.00 -17.17
C ALA D 168 -9.33 -18.71 -18.47
N THR D 169 -8.01 -18.86 -18.69
CA THR D 169 -7.50 -19.53 -19.82
C THR D 169 -7.52 -21.06 -19.50
N VAL D 170 -7.86 -21.89 -20.52
CA VAL D 170 -7.94 -23.37 -20.29
C VAL D 170 -6.81 -24.07 -20.98
N LYS D 171 -5.96 -24.74 -20.22
CA LYS D 171 -4.75 -25.44 -20.77
C LYS D 171 -4.92 -26.98 -20.70
N ILE D 172 -4.31 -27.69 -21.67
CA ILE D 172 -4.36 -29.12 -21.77
C ILE D 172 -2.97 -29.65 -21.76
N VAL D 173 -2.59 -30.38 -20.73
CA VAL D 173 -1.25 -30.94 -20.62
C VAL D 173 -1.36 -32.45 -20.78
N LYS D 174 -0.57 -33.00 -21.68
CA LYS D 174 -0.56 -34.46 -21.88
C LYS D 174 0.45 -35.05 -20.90
N ASN D 175 0.04 -35.86 -19.96
CA ASN D 175 1.02 -36.42 -19.00
C ASN D 175 1.26 -37.86 -19.40
N LYS D 176 2.08 -38.06 -20.43
CA LYS D 176 2.46 -39.37 -20.93
C LYS D 176 3.36 -40.14 -19.97
N ASN D 177 3.19 -41.47 -19.94
CA ASN D 177 4.08 -42.43 -19.24
C ASN D 177 5.57 -42.24 -19.54
N GLY D 178 6.37 -42.09 -18.49
CA GLY D 178 7.77 -41.70 -18.66
C GLY D 178 7.98 -40.22 -18.91
N LEU D 179 6.92 -39.42 -19.09
CA LEU D 179 7.12 -38.02 -19.54
C LEU D 179 6.54 -36.99 -18.60
N VAL D 180 6.67 -37.29 -17.32
CA VAL D 180 6.06 -36.53 -16.30
C VAL D 180 6.71 -35.16 -16.44
N ASP D 181 8.02 -35.18 -16.69
CA ASP D 181 8.84 -33.98 -16.74
C ASP D 181 8.38 -33.00 -17.72
N ASN D 182 7.81 -33.46 -18.81
CA ASN D 182 7.30 -32.58 -19.83
C ASN D 182 5.98 -31.95 -19.34
N ALA D 183 5.11 -32.75 -18.73
CA ALA D 183 3.91 -32.20 -18.06
C ALA D 183 4.29 -31.31 -16.88
N VAL D 184 5.23 -31.76 -16.07
CA VAL D 184 5.68 -30.93 -14.92
C VAL D 184 6.21 -29.58 -15.42
N GLU D 185 7.14 -29.60 -16.37
CA GLU D 185 7.66 -28.40 -17.04
C GLU D 185 6.55 -27.47 -17.55
N GLU D 186 5.79 -27.98 -18.51
CA GLU D 186 4.64 -27.33 -19.13
C GLU D 186 3.75 -26.63 -18.15
N LEU D 187 3.53 -27.27 -16.99
CA LEU D 187 2.77 -26.68 -15.90
C LEU D 187 3.49 -25.43 -15.41
N MET D 188 4.75 -25.60 -15.00
CA MET D 188 5.45 -24.50 -14.32
C MET D 188 5.48 -23.21 -15.13
N SER D 189 5.61 -23.37 -16.44
CA SER D 189 5.62 -22.28 -17.39
C SER D 189 4.42 -21.36 -17.20
N VAL D 190 3.31 -21.94 -16.74
CA VAL D 190 2.06 -21.24 -16.67
C VAL D 190 1.92 -20.74 -15.23
N LEU D 191 2.79 -21.26 -14.37
CA LEU D 191 2.79 -20.83 -13.00
C LEU D 191 3.77 -19.68 -12.80
N ARG D 192 4.40 -19.22 -13.88
CA ARG D 192 5.25 -18.03 -13.77
C ARG D 192 4.63 -16.86 -14.56
PA AP5 E . 11.23 15.69 23.89
O1A AP5 E . 10.75 16.75 24.87
O2A AP5 E . 10.06 14.81 23.48
O3A AP5 E . 11.95 16.25 22.60
PB AP5 E . 13.00 17.42 22.73
O1B AP5 E . 14.02 17.36 21.64
O2B AP5 E . 13.82 17.46 23.97
O3B AP5 E . 12.04 18.73 22.52
PG AP5 E . 12.40 20.16 23.14
O1G AP5 E . 13.86 20.38 23.11
O2G AP5 E . 12.07 20.18 24.61
O3G AP5 E . 11.65 21.18 22.21
PD AP5 E . 10.24 21.78 22.65
O1D AP5 E . 9.20 20.74 22.89
O2D AP5 E . 9.75 22.72 21.55
O3D AP5 E . 10.70 22.49 24.04
PE AP5 E . 10.07 23.85 24.53
O1E AP5 E . 10.78 24.11 25.80
O2E AP5 E . 8.57 23.70 24.67
O5F AP5 E . 12.35 14.84 24.59
C5F AP5 E . 13.56 14.56 23.93
C4F AP5 E . 13.74 13.06 23.66
O4F AP5 E . 12.49 12.37 23.75
C3F AP5 E . 14.36 12.84 22.29
O3F AP5 E . 15.56 12.10 22.43
C2F AP5 E . 13.37 11.98 21.57
O2F AP5 E . 14.05 10.86 21.04
C1F AP5 E . 12.46 11.46 22.68
N9A AP5 E . 11.08 11.21 22.19
C8A AP5 E . 9.91 11.91 22.42
N7A AP5 E . 8.88 11.30 21.78
C5A AP5 E . 9.40 10.23 21.15
C6A AP5 E . 8.82 9.27 20.39
N6A AP5 E . 7.70 9.57 19.79
N1A AP5 E . 9.58 8.27 19.88
C2A AP5 E . 10.93 8.18 20.09
N3A AP5 E . 11.53 9.15 20.88
C4A AP5 E . 10.76 10.16 21.38
O5J AP5 E . 10.44 25.05 23.46
C5J AP5 E . 11.78 25.44 23.30
C4J AP5 E . 12.16 26.77 23.97
O4J AP5 E . 11.82 27.92 23.20
C3J AP5 E . 11.43 26.97 25.26
O3J AP5 E . 12.38 27.50 26.13
C2J AP5 E . 10.38 28.00 24.96
O2J AP5 E . 10.12 28.63 26.17
C1J AP5 E . 11.14 28.87 24.01
N9B AP5 E . 10.30 29.84 23.22
C8B AP5 E . 10.67 31.14 22.87
N7B AP5 E . 9.67 31.73 22.15
C5B AP5 E . 8.72 30.84 22.06
C6B AP5 E . 7.52 30.96 21.42
N6B AP5 E . 7.43 31.95 20.54
N1B AP5 E . 6.68 29.85 21.44
C2B AP5 E . 7.06 28.70 22.12
N3B AP5 E . 8.27 28.61 22.77
C4B AP5 E . 9.06 29.67 22.72
PA AP5 F . 16.48 0.55 -12.83
O1A AP5 F . 17.26 -0.61 -12.24
O2A AP5 F . 15.95 1.30 -11.67
O3A AP5 F . 17.34 1.46 -13.81
PB AP5 F . 19.00 1.42 -13.86
O1B AP5 F . 19.46 0.52 -15.02
O2B AP5 F . 19.65 0.96 -12.54
O3B AP5 F . 19.45 2.96 -14.11
PG AP5 F . 18.44 4.08 -13.54
O1G AP5 F . 17.54 3.55 -12.52
O2G AP5 F . 17.68 4.53 -14.76
O3G AP5 F . 19.52 5.12 -13.07
PD AP5 F . 20.16 5.22 -11.62
O1D AP5 F . 20.62 6.67 -11.51
O2D AP5 F . 19.26 4.73 -10.56
O3D AP5 F . 21.44 4.33 -11.50
PE AP5 F . 22.91 4.92 -11.76
O1E AP5 F . 23.83 3.83 -12.20
O2E AP5 F . 23.45 5.56 -10.51
O5F AP5 F . 15.24 0.10 -13.67
C5F AP5 F . 14.09 0.06 -12.89
C4F AP5 F . 12.94 -0.51 -13.69
O4F AP5 F . 12.33 -1.42 -12.81
C3F AP5 F . 11.94 0.57 -14.02
O3F AP5 F . 11.68 0.38 -15.36
C2F AP5 F . 10.69 0.23 -13.24
O2F AP5 F . 9.67 -0.29 -14.08
C1F AP5 F . 11.03 -0.99 -12.46
N9A AP5 F . 10.96 -0.95 -11.01
C8A AP5 F . 12.05 -0.85 -10.17
N7A AP5 F . 11.55 -0.93 -8.91
C5A AP5 F . 10.21 -1.17 -8.97
C6A AP5 F . 9.30 -1.37 -8.00
N6A AP5 F . 9.64 -1.33 -6.70
N1A AP5 F . 7.98 -1.54 -8.35
C2A AP5 F . 7.62 -1.58 -9.68
N3A AP5 F . 8.56 -1.37 -10.64
C4A AP5 F . 9.84 -1.16 -10.27
O5J AP5 F . 22.97 5.88 -12.91
C5J AP5 F . 24.30 5.85 -13.28
C4J AP5 F . 24.61 7.05 -14.15
O4J AP5 F . 24.45 8.19 -13.37
C3J AP5 F . 26.08 6.96 -14.52
O3J AP5 F . 26.11 6.91 -15.92
C2J AP5 F . 26.76 8.23 -14.14
O2J AP5 F . 26.82 9.03 -15.33
C1J AP5 F . 25.72 8.90 -13.28
N9B AP5 F . 26.21 9.26 -11.94
C8B AP5 F . 26.01 8.60 -10.76
N7B AP5 F . 26.56 9.35 -9.76
C5B AP5 F . 27.16 10.44 -10.26
C6B AP5 F . 27.88 11.50 -9.68
N6B AP5 F . 27.81 11.79 -8.35
N1B AP5 F . 28.38 12.53 -10.47
C2B AP5 F . 28.15 12.44 -11.85
N3B AP5 F . 27.43 11.41 -12.41
C4B AP5 F . 26.95 10.40 -11.63
PA AP5 G . -17.34 20.98 -1.43
O1A AP5 G . -15.92 21.21 -1.90
O2A AP5 G . -17.79 22.07 -0.48
O3A AP5 G . -18.27 20.89 -2.71
PB AP5 G . -18.00 19.60 -3.58
O1B AP5 G . -17.01 18.63 -2.98
O2B AP5 G . -19.23 18.75 -3.78
O3B AP5 G . -17.49 20.46 -4.88
PG AP5 G . -16.27 21.55 -4.96
O1G AP5 G . -16.44 22.39 -3.73
O2G AP5 G . -14.97 20.80 -4.85
O3G AP5 G . -16.35 22.30 -6.42
PD AP5 G . -15.29 21.96 -7.63
O1D AP5 G . -14.31 20.87 -7.29
O2D AP5 G . -14.44 23.05 -8.17
O3D AP5 G . -16.00 21.37 -8.92
PE AP5 G . -16.42 22.31 -10.14
O1E AP5 G . -17.53 21.65 -10.89
O2E AP5 G . -15.38 22.44 -11.21
O5F AP5 G . -17.66 19.45 -0.93
C5F AP5 G . -18.95 19.03 -0.51
C4F AP5 G . -18.92 18.58 0.94
O4F AP5 G . -18.68 17.19 0.89
C3F AP5 G . -17.80 19.23 1.78
O3F AP5 G . -18.33 19.89 2.92
C2F AP5 G . -16.94 18.08 2.23
O2F AP5 G . -16.65 18.20 3.61
C1F AP5 G . -17.80 16.86 1.95
N9A AP5 G . -17.02 15.74 1.47
C8A AP5 G . -16.73 15.49 0.16
N7A AP5 G . -15.95 14.38 0.10
C5A AP5 G . -15.76 13.94 1.36
C6A AP5 G . -15.09 12.85 1.87
N6A AP5 G . -14.91 11.85 1.02
N1A AP5 G . -15.05 12.59 3.25
C2A AP5 G . -15.70 13.45 4.13
N3A AP5 G . -16.40 14.55 3.62
C4A AP5 G . -16.44 14.77 2.25
O5J AP5 G . -16.82 23.63 -9.39
C5J AP5 G . -17.24 24.69 -10.16
C4J AP5 G . -15.91 25.20 -10.62
O4J AP5 G . -15.71 24.85 -11.95
C3J AP5 G . -15.77 26.69 -10.65
O3J AP5 G . -15.55 27.12 -9.34
C2J AP5 G . -14.51 26.72 -11.49
O2J AP5 G . -13.34 26.61 -10.72
C1J AP5 G . -14.53 25.47 -12.35
N9B AP5 G . -14.73 26.07 -13.63
C8B AP5 G . -15.96 26.31 -14.19
N7B AP5 G . -15.73 26.95 -15.37
C5B AP5 G . -14.36 27.12 -15.54
C6B AP5 G . -13.54 27.71 -16.54
N6B AP5 G . -14.11 28.20 -17.65
N1B AP5 G . -12.15 27.74 -16.38
C2B AP5 G . -11.56 27.17 -15.28
N3B AP5 G . -12.36 26.58 -14.31
C4B AP5 G . -13.72 26.55 -14.42
PA AP5 H . -8.91 -36.47 -4.93
O1A AP5 H . -7.60 -36.78 -4.31
O2A AP5 H . -9.13 -35.08 -5.45
O3A AP5 H . -9.18 -37.32 -6.25
PB AP5 H . -8.51 -38.72 -6.58
O1B AP5 H . -9.67 -39.46 -7.11
O2B AP5 H . -7.94 -39.33 -5.32
O3B AP5 H . -7.23 -38.33 -7.52
PG AP5 H . -5.93 -39.31 -7.57
O1G AP5 H . -6.57 -40.68 -7.38
O2G AP5 H . -4.88 -39.23 -6.51
O3G AP5 H . -5.29 -39.16 -9.03
PD AP5 H . -3.93 -38.39 -9.43
O1D AP5 H . -4.16 -36.91 -9.35
O2D AP5 H . -3.57 -38.68 -10.85
O3D AP5 H . -2.99 -38.96 -8.30
PE AP5 H . -1.50 -39.37 -8.47
O1E AP5 H . -0.89 -39.74 -7.16
O2E AP5 H . -0.78 -38.17 -9.01
O5F AP5 H . -10.15 -36.88 -4.01
C5F AP5 H . -11.21 -37.44 -4.74
C4F AP5 H . -12.49 -37.27 -3.99
O4F AP5 H . -12.57 -35.92 -3.70
C3F AP5 H . -13.62 -37.67 -4.91
O3F AP5 H . -14.34 -38.78 -4.39
C2F AP5 H . -14.45 -36.39 -5.00
O2F AP5 H . -15.71 -36.57 -4.42
C1F AP5 H . -13.77 -35.35 -4.15
N9A AP5 H . -13.57 -34.09 -4.91
C8A AP5 H . -12.41 -33.53 -5.31
N7A AP5 H . -12.64 -32.35 -5.95
C5A AP5 H . -13.98 -32.18 -5.95
C6A AP5 H . -14.75 -31.18 -6.47
N6A AP5 H . -14.14 -30.15 -7.10
N1A AP5 H . -16.11 -31.27 -6.36
C2A AP5 H . -16.70 -32.32 -5.73
N3A AP5 H . -15.91 -33.30 -5.16
C4A AP5 H . -14.57 -33.24 -5.30
O5J AP5 H . -1.61 -40.77 -9.36
C5J AP5 H . -0.66 -41.87 -9.46
C4J AP5 H . 0.31 -41.33 -10.50
O4J AP5 H . 1.42 -42.06 -10.99
C3J AP5 H . -0.33 -40.91 -11.80
O3J AP5 H . -1.33 -39.94 -11.52
C2J AP5 H . 0.93 -40.59 -12.69
O2J AP5 H . 1.42 -39.29 -13.02
C1J AP5 H . 2.02 -41.13 -11.88
N9B AP5 H . 2.69 -41.73 -12.96
C8B AP5 H . 3.06 -43.06 -13.03
N7B AP5 H . 3.69 -43.24 -14.22
C5B AP5 H . 3.70 -42.07 -14.88
C6B AP5 H . 4.23 -41.79 -16.08
N6B AP5 H . 5.27 -42.61 -16.45
N1B AP5 H . 4.13 -40.48 -16.58
C2B AP5 H . 3.52 -39.54 -15.80
N3B AP5 H . 2.99 -39.84 -14.52
C4B AP5 H . 3.07 -41.10 -14.11
#